data_8K20
#
_entry.id   8K20
#
_cell.length_a   1.00
_cell.length_b   1.00
_cell.length_c   1.00
_cell.angle_alpha   90.00
_cell.angle_beta   90.00
_cell.angle_gamma   90.00
#
_symmetry.space_group_name_H-M   'P 1'
#
loop_
_entity.id
_entity.type
_entity.pdbx_description
1 polymer 'Probable tRNA N6-adenosine threonylcarbamoyltransferase'
2 polymer 'non-specific serine/threonine protein kinase'
3 polymer At4g34412
4 polymer At5g53043
5 non-polymer 'FE (III) ION'
#
loop_
_entity_poly.entity_id
_entity_poly.type
_entity_poly.pdbx_seq_one_letter_code
_entity_poly.pdbx_strand_id
1 'polypeptide(L)'
;MKKKMIAIGFEGSANKIGVGIVTLDGTILANPRHTYITPPGHGFLPRETAHHHLDHVLPLVKSALETSQVTPEEIDCICY
TKGPGMGAPLQVSAIVVRVLSQLWKKPIVAVNHCVAHIEMGRVVTGADDPVVLYVSGGNTQVIAYSEGRYRIFGETIDIA
VGNCLDRFARVLKLSNDPSPGYNIEQLAKKGENFIDLPYAVKGMDVSFSGILSYIETTAEEKLKNNECTPADLCYSLQET
VFAMLVEITERAMAHCDKKDVLIVGGVGCNERLQEMMRTMCSERDGKLFATDDRYCIDNGAMIAYTGLLAFVNGIETPIE
DSTFTQRFRTDEVHAVWREKEAVLLGDKKVAAN
;
A,E
2 'polypeptide(L)'
;MDCEENVRDESLVLIKQGAEARVFESTFAGRRSIVKERFSKKYRHPILDAKLTLKRLNAEARCMTKARKLGVCTPVLYAV
DTLLHSLTLEYIEGVSVKDIFLEFGTNGVVEERLDDVAAQIGAAIAKLHDGGLAHGDLTTSNMLVRSGTNQLVLIDFGLS
VTSTLPEDKAVDLYVLERALLSMHSSCGNVMDRILTAYRKSSKQWSATFNKLAQVRQRGRKRTMIG
;
B
3 'polypeptide(L)'
;MKVFNLDRGNTLSVSLFSGVTNSKELLNSMLDGSLKLEVSFLNASLIPDIFPLLAAAQKALISKSRDSLSTRTLHSELVY
NYSGSKHITESLKRCGISENTTYILAARFNASPVEMEEVAKLINGKEIDLEELKTHANQANILKHYKITSQELGISSLGD
AIVCRIAARDALHHHHHH
;
C
4 'polypeptide(L)'
;MAATVPATTRSDQTWDFSCNLDVSFESEEHALIAYTSLAVDKELQPDKVRRVMSVSNNKLSVHFEAIEARLLRASFSAFV
DVLTLATRTIQEFGQKHHHHHH
;
D,F
#
loop_
_chem_comp.id
_chem_comp.type
_chem_comp.name
_chem_comp.formula
FE non-polymer 'FE (III) ION' 'Fe 3'
#
# COMPACT_ATOMS: atom_id res chain seq x y z
N LYS A 4 -39.83 5.31 15.01
CA LYS A 4 -38.85 6.35 15.25
C LYS A 4 -37.98 6.59 14.02
N MET A 5 -37.11 7.58 14.10
CA MET A 5 -36.22 7.90 12.99
C MET A 5 -35.19 6.80 12.79
N ILE A 6 -35.00 6.41 11.52
CA ILE A 6 -34.07 5.36 11.13
C ILE A 6 -33.38 5.78 9.85
N ALA A 7 -32.06 5.58 9.79
CA ALA A 7 -31.26 5.94 8.62
C ALA A 7 -30.53 4.71 8.11
N ILE A 8 -30.40 4.60 6.79
CA ILE A 8 -29.66 3.50 6.17
C ILE A 8 -28.39 4.06 5.55
N GLY A 9 -27.29 3.36 5.74
CA GLY A 9 -26.00 3.82 5.23
C GLY A 9 -25.26 2.70 4.54
N PHE A 10 -24.56 3.07 3.48
CA PHE A 10 -23.72 2.15 2.71
C PHE A 10 -22.27 2.55 2.87
N GLU A 11 -21.42 1.57 3.17
CA GLU A 11 -19.98 1.79 3.31
C GLU A 11 -19.24 0.79 2.43
N GLY A 12 -18.45 1.30 1.50
CA GLY A 12 -17.66 0.46 0.63
C GLY A 12 -16.32 1.07 0.29
N SER A 13 -15.89 2.07 1.06
CA SER A 13 -14.66 2.80 0.75
C SER A 13 -13.42 1.91 0.80
N ALA A 14 -13.51 0.75 1.45
CA ALA A 14 -12.39 -0.18 1.50
C ALA A 14 -12.83 -1.56 1.03
N ASN A 15 -11.94 -2.56 1.14
CA ASN A 15 -12.32 -3.92 0.79
C ASN A 15 -13.49 -4.42 1.61
N LYS A 16 -13.61 -3.96 2.85
CA LYS A 16 -14.76 -4.28 3.68
C LYS A 16 -16.01 -3.60 3.13
N ILE A 17 -17.12 -4.32 3.14
CA ILE A 17 -18.41 -3.80 2.69
C ILE A 17 -19.40 -3.91 3.83
N GLY A 18 -20.19 -2.85 4.03
CA GLY A 18 -21.18 -2.81 5.09
C GLY A 18 -22.45 -2.09 4.72
N VAL A 19 -23.58 -2.65 5.13
CA VAL A 19 -24.90 -2.06 4.89
C VAL A 19 -25.55 -1.89 6.26
N GLY A 20 -25.40 -0.71 6.85
CA GLY A 20 -25.86 -0.45 8.20
C GLY A 20 -27.22 0.20 8.21
N ILE A 21 -27.98 -0.09 9.27
CA ILE A 21 -29.29 0.52 9.50
C ILE A 21 -29.37 0.90 10.97
N VAL A 22 -29.46 2.19 11.26
CA VAL A 22 -29.32 2.66 12.64
C VAL A 22 -30.48 3.57 13.02
N THR A 23 -30.68 3.68 14.33
CA THR A 23 -31.59 4.63 14.96
C THR A 23 -30.79 5.83 15.47
N LEU A 24 -31.47 6.70 16.22
CA LEU A 24 -30.82 7.90 16.72
C LEU A 24 -30.07 7.69 18.04
N ASP A 25 -30.39 6.63 18.77
CA ASP A 25 -29.73 6.38 20.05
C ASP A 25 -28.31 5.87 19.90
N GLY A 26 -27.92 5.43 18.70
CA GLY A 26 -26.63 4.82 18.49
C GLY A 26 -26.63 3.30 18.50
N THR A 27 -27.80 2.67 18.54
CA THR A 27 -27.90 1.23 18.61
C THR A 27 -28.07 0.64 17.21
N ILE A 28 -27.18 -0.26 16.84
CA ILE A 28 -27.26 -0.92 15.54
C ILE A 28 -28.46 -1.86 15.54
N LEU A 29 -29.27 -1.78 14.48
CA LEU A 29 -30.37 -2.72 14.33
C LEU A 29 -29.93 -3.96 13.57
N ALA A 30 -29.16 -3.77 12.50
CA ALA A 30 -28.60 -4.88 11.75
C ALA A 30 -27.27 -4.43 11.16
N ASN A 31 -26.40 -5.38 10.89
CA ASN A 31 -25.09 -5.04 10.35
C ASN A 31 -24.45 -6.23 9.66
N PRO A 32 -24.98 -6.67 8.52
CA PRO A 32 -24.27 -7.72 7.76
C PRO A 32 -23.03 -7.16 7.10
N ARG A 33 -21.87 -7.46 7.67
CA ARG A 33 -20.61 -6.96 7.18
C ARG A 33 -19.84 -8.08 6.49
N HIS A 34 -19.32 -7.79 5.30
CA HIS A 34 -18.60 -8.80 4.54
C HIS A 34 -17.25 -8.24 4.12
N THR A 35 -16.32 -9.15 3.85
CA THR A 35 -14.99 -8.79 3.41
C THR A 35 -14.61 -9.57 2.16
N TYR A 36 -13.93 -8.90 1.25
CA TYR A 36 -13.34 -9.56 0.08
C TYR A 36 -12.05 -10.20 0.56
N ILE A 37 -12.14 -11.49 0.91
CA ILE A 37 -11.01 -12.17 1.52
C ILE A 37 -9.92 -12.42 0.48
N THR A 38 -8.89 -11.57 0.51
CA THR A 38 -7.82 -11.67 -0.46
C THR A 38 -6.99 -12.92 -0.17
N PRO A 39 -6.37 -13.51 -1.20
CA PRO A 39 -5.44 -14.60 -0.95
C PRO A 39 -4.29 -14.12 -0.10
N PRO A 40 -3.78 -14.98 0.80
CA PRO A 40 -2.68 -14.56 1.66
C PRO A 40 -1.46 -14.15 0.85
N GLY A 41 -0.78 -13.09 1.32
CA GLY A 41 0.33 -12.51 0.60
C GLY A 41 -0.06 -11.53 -0.49
N HIS A 42 -1.35 -11.25 -0.67
CA HIS A 42 -1.81 -10.33 -1.69
C HIS A 42 -2.83 -9.37 -1.09
N GLY A 43 -2.90 -8.17 -1.67
CA GLY A 43 -3.81 -7.13 -1.25
C GLY A 43 -5.10 -7.14 -2.04
N PHE A 44 -5.73 -5.96 -2.11
CA PHE A 44 -6.99 -5.79 -2.82
C PHE A 44 -6.85 -4.72 -3.89
N LEU A 45 -7.48 -4.96 -5.04
CA LEU A 45 -7.49 -4.02 -6.14
C LEU A 45 -8.92 -3.62 -6.48
N PRO A 46 -9.13 -2.41 -7.01
CA PRO A 46 -10.51 -1.94 -7.22
C PRO A 46 -11.36 -2.82 -8.12
N ARG A 47 -10.79 -3.43 -9.15
CA ARG A 47 -11.60 -4.18 -10.09
C ARG A 47 -12.19 -5.44 -9.46
N GLU A 48 -11.36 -6.26 -8.83
CA GLU A 48 -11.86 -7.48 -8.22
C GLU A 48 -12.69 -7.18 -6.97
N THR A 49 -12.34 -6.12 -6.23
CA THR A 49 -13.18 -5.70 -5.12
C THR A 49 -14.55 -5.28 -5.61
N ALA A 50 -14.61 -4.57 -6.73
CA ALA A 50 -15.89 -4.19 -7.32
C ALA A 50 -16.66 -5.42 -7.79
N HIS A 51 -15.95 -6.41 -8.33
CA HIS A 51 -16.63 -7.66 -8.71
C HIS A 51 -17.23 -8.36 -7.49
N HIS A 52 -16.47 -8.42 -6.40
CA HIS A 52 -16.98 -9.01 -5.16
C HIS A 52 -18.20 -8.25 -4.67
N HIS A 53 -18.15 -6.92 -4.74
CA HIS A 53 -19.29 -6.10 -4.31
C HIS A 53 -20.49 -6.35 -5.21
N LEU A 54 -20.26 -6.47 -6.51
CA LEU A 54 -21.33 -6.80 -7.45
C LEU A 54 -22.00 -8.10 -7.08
N ASP A 55 -21.20 -9.12 -6.75
CA ASP A 55 -21.77 -10.42 -6.40
C ASP A 55 -22.49 -10.39 -5.07
N HIS A 56 -22.00 -9.61 -4.10
CA HIS A 56 -22.42 -9.76 -2.72
C HIS A 56 -23.45 -8.73 -2.26
N VAL A 57 -23.49 -7.53 -2.85
CA VAL A 57 -24.23 -6.43 -2.23
C VAL A 57 -25.74 -6.69 -2.25
N LEU A 58 -26.26 -7.23 -3.34
CA LEU A 58 -27.68 -7.57 -3.35
C LEU A 58 -28.03 -8.65 -2.32
N PRO A 59 -27.31 -9.78 -2.25
CA PRO A 59 -27.51 -10.66 -1.08
C PRO A 59 -27.24 -9.97 0.23
N LEU A 60 -26.25 -9.06 0.27
CA LEU A 60 -25.97 -8.34 1.50
C LEU A 60 -27.11 -7.41 1.88
N VAL A 61 -27.69 -6.70 0.90
CA VAL A 61 -28.81 -5.82 1.20
C VAL A 61 -30.02 -6.65 1.64
N LYS A 62 -30.24 -7.80 0.99
CA LYS A 62 -31.33 -8.68 1.39
C LYS A 62 -31.13 -9.16 2.82
N SER A 63 -29.90 -9.53 3.18
CA SER A 63 -29.60 -9.95 4.54
C SER A 63 -29.81 -8.81 5.53
N ALA A 64 -29.43 -7.59 5.16
CA ALA A 64 -29.66 -6.44 6.03
C ALA A 64 -31.14 -6.22 6.27
N LEU A 65 -31.94 -6.30 5.22
CA LEU A 65 -33.39 -6.14 5.37
C LEU A 65 -33.98 -7.26 6.22
N GLU A 66 -33.53 -8.50 6.02
CA GLU A 66 -34.05 -9.61 6.81
C GLU A 66 -33.68 -9.48 8.27
N THR A 67 -32.45 -9.05 8.57
CA THR A 67 -32.00 -8.93 9.94
C THR A 67 -32.67 -7.75 10.65
N SER A 68 -32.74 -6.60 9.98
CA SER A 68 -33.34 -5.43 10.58
C SER A 68 -34.86 -5.50 10.62
N GLN A 69 -35.47 -6.18 9.65
CA GLN A 69 -36.93 -6.30 9.54
C GLN A 69 -37.60 -4.94 9.49
N VAL A 70 -36.97 -3.97 8.82
CA VAL A 70 -37.48 -2.62 8.71
C VAL A 70 -37.88 -2.36 7.26
N THR A 71 -39.11 -1.90 7.06
CA THR A 71 -39.59 -1.64 5.72
C THR A 71 -38.82 -0.48 5.08
N PRO A 72 -38.63 -0.51 3.76
CA PRO A 72 -37.89 0.58 3.11
C PRO A 72 -38.52 1.95 3.30
N GLU A 73 -39.85 2.03 3.40
CA GLU A 73 -40.49 3.32 3.61
C GLU A 73 -40.15 3.92 4.96
N GLU A 74 -39.88 3.07 5.96
CA GLU A 74 -39.49 3.55 7.28
C GLU A 74 -38.16 4.29 7.26
N ILE A 75 -37.36 4.14 6.20
CA ILE A 75 -36.11 4.87 6.11
C ILE A 75 -36.38 6.36 6.00
N ASP A 76 -35.76 7.13 6.88
CA ASP A 76 -35.79 8.58 6.78
C ASP A 76 -34.82 9.11 5.74
N CYS A 77 -33.63 8.52 5.63
CA CYS A 77 -32.65 8.96 4.66
C CYS A 77 -31.75 7.80 4.28
N ILE A 78 -31.38 7.75 3.00
CA ILE A 78 -30.44 6.76 2.49
C ILE A 78 -29.14 7.49 2.21
N CYS A 79 -28.05 6.98 2.77
CA CYS A 79 -26.78 7.70 2.77
C CYS A 79 -25.70 6.79 2.23
N TYR A 80 -24.84 7.35 1.41
CA TYR A 80 -23.70 6.62 0.87
C TYR A 80 -22.42 7.27 1.34
N THR A 81 -21.40 6.45 1.63
CA THR A 81 -20.09 7.01 1.91
C THR A 81 -19.55 7.66 0.64
N LYS A 82 -19.39 8.98 0.66
CA LYS A 82 -18.77 9.64 -0.49
C LYS A 82 -17.30 9.29 -0.59
N GLY A 83 -16.63 9.09 0.55
CA GLY A 83 -15.24 8.75 0.55
C GLY A 83 -14.55 9.24 1.80
N PRO A 84 -13.20 9.29 1.77
CA PRO A 84 -12.38 8.93 0.62
C PRO A 84 -12.20 7.41 0.44
N GLY A 85 -11.70 7.00 -0.71
CA GLY A 85 -11.50 5.61 -1.00
C GLY A 85 -11.31 5.38 -2.48
N MET A 86 -11.03 4.12 -2.83
CA MET A 86 -10.81 3.77 -4.22
C MET A 86 -12.10 3.88 -5.03
N GLY A 87 -11.95 4.19 -6.32
CA GLY A 87 -13.08 4.66 -7.11
C GLY A 87 -14.16 3.62 -7.34
N ALA A 88 -13.78 2.40 -7.68
CA ALA A 88 -14.77 1.42 -8.15
C ALA A 88 -15.82 1.04 -7.11
N PRO A 89 -15.46 0.69 -5.86
CA PRO A 89 -16.53 0.33 -4.90
C PRO A 89 -17.41 1.52 -4.54
N LEU A 90 -16.82 2.70 -4.35
CA LEU A 90 -17.63 3.90 -4.12
C LEU A 90 -18.55 4.15 -5.29
N GLN A 91 -18.11 3.84 -6.50
CA GLN A 91 -18.92 4.05 -7.70
C GLN A 91 -20.10 3.08 -7.72
N VAL A 92 -19.85 1.82 -7.36
CA VAL A 92 -20.93 0.83 -7.26
C VAL A 92 -21.94 1.28 -6.21
N SER A 93 -21.44 1.74 -5.05
CA SER A 93 -22.32 2.24 -4.01
C SER A 93 -23.12 3.45 -4.50
N ALA A 94 -22.48 4.32 -5.28
CA ALA A 94 -23.18 5.48 -5.80
C ALA A 94 -24.32 5.06 -6.73
N ILE A 95 -24.07 4.09 -7.60
CA ILE A 95 -25.13 3.64 -8.50
C ILE A 95 -26.28 3.04 -7.71
N VAL A 96 -25.97 2.18 -6.74
CA VAL A 96 -27.05 1.51 -6.02
C VAL A 96 -27.84 2.51 -5.18
N VAL A 97 -27.16 3.51 -4.60
CA VAL A 97 -27.89 4.49 -3.80
C VAL A 97 -28.74 5.39 -4.69
N ARG A 98 -28.24 5.73 -5.89
CA ARG A 98 -29.05 6.51 -6.82
C ARG A 98 -30.30 5.73 -7.22
N VAL A 99 -30.15 4.46 -7.55
CA VAL A 99 -31.30 3.65 -7.95
C VAL A 99 -32.29 3.55 -6.79
N LEU A 100 -31.79 3.32 -5.57
CA LEU A 100 -32.68 3.20 -4.43
C LEU A 100 -33.38 4.51 -4.13
N SER A 101 -32.70 5.64 -4.31
CA SER A 101 -33.34 6.93 -4.10
C SER A 101 -34.42 7.19 -5.12
N GLN A 102 -34.16 6.86 -6.39
CA GLN A 102 -35.15 7.10 -7.43
C GLN A 102 -36.31 6.11 -7.37
N LEU A 103 -36.11 4.95 -6.75
CA LEU A 103 -37.21 4.00 -6.65
C LEU A 103 -38.02 4.21 -5.37
N TRP A 104 -37.36 4.17 -4.22
CA TRP A 104 -37.99 4.42 -2.93
C TRP A 104 -38.46 5.86 -2.75
N LYS A 105 -38.02 6.78 -3.61
CA LYS A 105 -38.29 8.20 -3.45
C LYS A 105 -37.78 8.71 -2.10
N LYS A 106 -36.51 8.40 -1.80
CA LYS A 106 -35.90 8.75 -0.54
C LYS A 106 -34.66 9.61 -0.76
N PRO A 107 -34.35 10.51 0.17
CA PRO A 107 -33.22 11.43 -0.05
C PRO A 107 -31.86 10.78 0.13
N ILE A 108 -31.00 11.01 -0.86
CA ILE A 108 -29.60 10.64 -0.82
C ILE A 108 -28.85 11.64 0.05
N VAL A 109 -27.97 11.12 0.91
CA VAL A 109 -27.07 11.96 1.69
C VAL A 109 -25.67 11.41 1.54
N ALA A 110 -24.75 12.26 1.08
CA ALA A 110 -23.35 11.92 1.08
C ALA A 110 -22.82 12.02 2.51
N VAL A 111 -22.07 11.01 2.93
CA VAL A 111 -21.57 10.92 4.29
C VAL A 111 -20.06 10.69 4.23
N ASN A 112 -19.33 11.42 5.07
CA ASN A 112 -17.90 11.21 5.18
C ASN A 112 -17.61 10.07 6.15
N HIS A 113 -16.38 9.55 6.07
CA HIS A 113 -16.04 8.34 6.81
C HIS A 113 -15.53 8.67 8.22
N CYS A 114 -14.60 9.60 8.33
CA CYS A 114 -14.03 9.96 9.62
C CYS A 114 -15.10 10.51 10.55
N VAL A 115 -16.00 11.35 10.01
CA VAL A 115 -17.11 11.86 10.80
C VAL A 115 -17.97 10.70 11.31
N ALA A 116 -18.19 9.70 10.46
CA ALA A 116 -18.96 8.53 10.87
C ALA A 116 -18.29 7.82 12.04
N HIS A 117 -16.97 7.60 11.95
CA HIS A 117 -16.25 6.95 13.03
C HIS A 117 -16.37 7.73 14.32
N ILE A 118 -16.11 9.04 14.26
CA ILE A 118 -16.14 9.88 15.46
C ILE A 118 -17.53 9.84 16.08
N GLU A 119 -18.56 10.04 15.27
CA GLU A 119 -19.91 10.09 15.80
C GLU A 119 -20.33 8.76 16.41
N MET A 120 -20.01 7.64 15.74
CA MET A 120 -20.35 6.34 16.29
C MET A 120 -19.66 6.12 17.63
N GLY A 121 -18.37 6.43 17.71
CA GLY A 121 -17.67 6.26 18.99
C GLY A 121 -18.27 7.12 20.08
N ARG A 122 -18.56 8.38 19.76
CA ARG A 122 -19.09 9.30 20.77
C ARG A 122 -20.46 8.84 21.26
N VAL A 123 -21.31 8.36 20.35
CA VAL A 123 -22.65 7.94 20.76
C VAL A 123 -22.59 6.63 21.54
N VAL A 124 -21.66 5.74 21.20
CA VAL A 124 -21.53 4.49 21.95
C VAL A 124 -21.04 4.75 23.36
N THR A 125 -19.96 5.52 23.49
CA THR A 125 -19.34 5.70 24.81
C THR A 125 -19.96 6.85 25.60
N GLY A 126 -20.89 7.60 25.02
CA GLY A 126 -21.59 8.63 25.76
C GLY A 126 -20.83 9.91 26.00
N ALA A 127 -19.62 10.03 25.46
CA ALA A 127 -18.83 11.24 25.66
C ALA A 127 -19.48 12.44 25.01
N ASP A 128 -19.27 13.62 25.58
CA ASP A 128 -19.89 14.84 25.08
C ASP A 128 -18.99 15.58 24.09
N ASP A 129 -17.73 15.79 24.44
CA ASP A 129 -16.83 16.52 23.54
C ASP A 129 -15.37 16.16 23.79
N PRO A 130 -14.96 14.92 23.54
CA PRO A 130 -13.56 14.54 23.72
C PRO A 130 -12.75 14.65 22.45
N VAL A 131 -11.42 14.71 22.64
CA VAL A 131 -10.51 14.48 21.52
C VAL A 131 -10.69 13.06 21.04
N VAL A 132 -10.83 12.88 19.72
CA VAL A 132 -11.14 11.59 19.13
C VAL A 132 -9.95 11.15 18.29
N LEU A 133 -9.45 9.96 18.56
CA LEU A 133 -8.35 9.38 17.80
C LEU A 133 -8.91 8.25 16.95
N TYR A 134 -8.93 8.45 15.64
CA TYR A 134 -9.43 7.47 14.68
C TYR A 134 -8.23 6.85 13.98
N VAL A 135 -7.94 5.60 14.31
CA VAL A 135 -6.82 4.88 13.71
C VAL A 135 -7.36 3.66 12.97
N SER A 136 -7.03 3.55 11.69
CA SER A 136 -7.51 2.47 10.84
C SER A 136 -6.46 2.18 9.79
N GLY A 137 -6.82 1.34 8.81
CA GLY A 137 -5.86 0.96 7.78
C GLY A 137 -5.43 2.13 6.92
N GLY A 138 -6.37 2.98 6.52
CA GLY A 138 -6.06 4.12 5.68
C GLY A 138 -6.11 5.44 6.41
N ASN A 139 -6.42 5.41 7.70
CA ASN A 139 -6.57 6.63 8.49
C ASN A 139 -5.80 6.53 9.78
N THR A 140 -5.10 7.62 10.12
CA THR A 140 -4.44 7.79 11.42
C THR A 140 -4.62 9.27 11.78
N GLN A 141 -5.71 9.56 12.48
CA GLN A 141 -6.18 10.93 12.65
C GLN A 141 -6.41 11.23 14.12
N VAL A 142 -6.04 12.45 14.52
CA VAL A 142 -6.41 13.02 15.80
C VAL A 142 -7.29 14.23 15.49
N ILE A 143 -8.50 14.23 16.03
CA ILE A 143 -9.54 15.17 15.60
C ILE A 143 -10.17 15.82 16.82
N ALA A 144 -10.41 17.13 16.73
CA ALA A 144 -11.04 17.89 17.78
C ALA A 144 -12.11 18.80 17.19
N TYR A 145 -13.24 18.87 17.87
CA TYR A 145 -14.30 19.79 17.49
C TYR A 145 -13.88 21.23 17.74
N SER A 146 -14.19 22.12 16.80
CA SER A 146 -13.82 23.52 16.95
C SER A 146 -14.62 24.40 15.99
N GLU A 147 -15.35 25.38 16.54
CA GLU A 147 -16.12 26.34 15.76
C GLU A 147 -17.12 25.64 14.84
N GLY A 148 -17.64 24.50 15.31
CA GLY A 148 -18.57 23.73 14.50
C GLY A 148 -17.96 22.96 13.36
N ARG A 149 -16.65 22.72 13.39
CA ARG A 149 -15.97 21.96 12.36
C ARG A 149 -15.02 20.98 13.02
N TYR A 150 -14.97 19.77 12.50
CA TYR A 150 -14.09 18.73 13.06
C TYR A 150 -12.70 18.96 12.52
N ARG A 151 -11.92 19.79 13.22
CA ARG A 151 -10.58 20.12 12.77
C ARG A 151 -9.61 19.01 13.14
N ILE A 152 -8.80 18.61 12.17
CA ILE A 152 -7.76 17.62 12.39
C ILE A 152 -6.53 18.32 12.91
N PHE A 153 -5.91 17.74 13.94
CA PHE A 153 -4.70 18.29 14.53
C PHE A 153 -3.53 17.32 14.53
N GLY A 154 -3.78 16.02 14.47
CA GLY A 154 -2.71 15.04 14.36
C GLY A 154 -2.98 14.10 13.20
N GLU A 155 -2.05 14.03 12.26
CA GLU A 155 -2.26 13.29 11.03
C GLU A 155 -0.95 12.79 10.47
N THR A 156 -0.96 11.55 9.99
CA THR A 156 0.16 11.04 9.22
C THR A 156 0.27 11.81 7.90
N ILE A 157 1.50 12.17 7.53
CA ILE A 157 1.69 12.93 6.30
C ILE A 157 1.93 11.99 5.13
N ASP A 158 2.58 10.85 5.36
CA ASP A 158 2.97 9.94 4.29
C ASP A 158 2.02 8.75 4.15
N ILE A 159 1.90 7.93 5.20
CA ILE A 159 1.07 6.72 5.15
C ILE A 159 0.44 6.51 6.53
N ALA A 160 -0.75 5.91 6.53
CA ALA A 160 -1.46 5.65 7.77
C ALA A 160 -0.77 4.54 8.57
N VAL A 161 -1.07 4.51 9.88
CA VAL A 161 -0.50 3.48 10.74
C VAL A 161 -1.02 2.10 10.35
N GLY A 162 -2.29 2.02 9.95
CA GLY A 162 -2.85 0.73 9.57
C GLY A 162 -2.22 0.18 8.31
N ASN A 163 -2.04 1.04 7.29
CA ASN A 163 -1.33 0.61 6.09
C ASN A 163 0.12 0.26 6.40
N CYS A 164 0.73 0.99 7.33
CA CYS A 164 2.10 0.67 7.73
C CYS A 164 2.18 -0.73 8.31
N LEU A 165 1.30 -1.04 9.26
CA LEU A 165 1.24 -2.38 9.82
C LEU A 165 0.96 -3.41 8.74
N ASP A 166 0.05 -3.08 7.83
CA ASP A 166 -0.35 -4.03 6.80
C ASP A 166 0.82 -4.42 5.91
N ARG A 167 1.53 -3.43 5.35
CA ARG A 167 2.55 -3.85 4.39
C ARG A 167 3.84 -4.24 5.09
N PHE A 168 4.03 -3.88 6.37
CA PHE A 168 5.07 -4.55 7.15
C PHE A 168 4.76 -6.03 7.32
N ALA A 169 3.50 -6.36 7.62
CA ALA A 169 3.11 -7.76 7.73
C ALA A 169 3.28 -8.49 6.41
N ARG A 170 2.95 -7.82 5.31
CA ARG A 170 3.16 -8.41 3.98
C ARG A 170 4.64 -8.63 3.71
N VAL A 171 5.51 -7.72 4.19
CA VAL A 171 6.94 -7.94 4.11
C VAL A 171 7.32 -9.20 4.87
N LEU A 172 6.74 -9.39 6.06
CA LEU A 172 6.92 -10.62 6.83
C LEU A 172 5.97 -11.72 6.40
N LYS A 173 5.04 -11.44 5.48
CA LYS A 173 4.10 -12.42 4.93
C LYS A 173 3.22 -13.02 6.03
N LEU A 174 2.53 -12.16 6.75
CA LEU A 174 1.57 -12.61 7.74
C LEU A 174 0.30 -13.11 7.07
N SER A 175 -0.54 -13.78 7.86
CA SER A 175 -1.85 -14.20 7.37
C SER A 175 -2.77 -13.00 7.20
N ASN A 176 -3.96 -13.26 6.67
CA ASN A 176 -4.92 -12.21 6.35
C ASN A 176 -6.31 -12.58 6.88
N ASP A 177 -6.36 -13.02 8.14
CA ASP A 177 -7.64 -13.32 8.77
C ASP A 177 -7.51 -13.17 10.29
N PRO A 178 -8.33 -12.33 10.91
CA PRO A 178 -9.36 -11.51 10.25
C PRO A 178 -8.76 -10.25 9.61
N SER A 179 -7.56 -9.89 10.03
CA SER A 179 -6.86 -8.73 9.49
C SER A 179 -5.37 -8.89 9.79
N PRO A 180 -4.48 -8.37 8.95
CA PRO A 180 -3.05 -8.46 9.26
C PRO A 180 -2.67 -7.81 10.58
N GLY A 181 -3.38 -6.74 10.97
CA GLY A 181 -3.11 -6.13 12.26
C GLY A 181 -3.39 -7.06 13.42
N TYR A 182 -4.47 -7.83 13.33
CA TYR A 182 -4.77 -8.80 14.38
C TYR A 182 -3.69 -9.86 14.49
N ASN A 183 -3.18 -10.34 13.34
CA ASN A 183 -2.11 -11.32 13.37
C ASN A 183 -0.82 -10.72 13.94
N ILE A 184 -0.53 -9.46 13.61
CA ILE A 184 0.62 -8.79 14.19
C ILE A 184 0.47 -8.68 15.70
N GLU A 185 -0.74 -8.37 16.17
CA GLU A 185 -0.99 -8.30 17.61
C GLU A 185 -0.79 -9.66 18.27
N GLN A 186 -1.31 -10.72 17.64
CA GLN A 186 -1.14 -12.06 18.18
C GLN A 186 0.34 -12.44 18.26
N LEU A 187 1.10 -12.11 17.23
CA LEU A 187 2.53 -12.38 17.25
C LEU A 187 3.23 -11.57 18.34
N ALA A 188 2.89 -10.28 18.46
CA ALA A 188 3.51 -9.42 19.45
C ALA A 188 3.15 -9.81 20.87
N LYS A 189 2.05 -10.54 21.07
CA LYS A 189 1.72 -11.02 22.40
C LYS A 189 2.83 -11.89 22.99
N LYS A 190 3.64 -12.52 22.16
CA LYS A 190 4.78 -13.30 22.61
C LYS A 190 6.10 -12.51 22.55
N GLY A 191 6.06 -11.25 22.12
CA GLY A 191 7.26 -10.45 22.08
C GLY A 191 7.72 -10.09 23.48
N GLU A 192 9.04 -10.16 23.71
CA GLU A 192 9.60 -9.90 25.02
C GLU A 192 10.73 -8.89 25.04
N ASN A 193 11.32 -8.55 23.89
CA ASN A 193 12.51 -7.72 23.82
C ASN A 193 12.18 -6.40 23.15
N PHE A 194 12.72 -5.31 23.70
CA PHE A 194 12.57 -4.00 23.11
C PHE A 194 13.58 -3.82 21.97
N ILE A 195 13.23 -2.96 21.01
CA ILE A 195 14.07 -2.66 19.86
C ILE A 195 14.09 -1.15 19.65
N ASP A 196 15.26 -0.61 19.36
CA ASP A 196 15.39 0.83 19.17
C ASP A 196 14.72 1.27 17.88
N LEU A 197 13.91 2.32 17.98
CA LEU A 197 13.33 2.99 16.82
C LEU A 197 13.60 4.49 16.91
N PRO A 198 13.98 5.12 15.81
CA PRO A 198 14.37 6.54 15.86
C PRO A 198 13.19 7.44 16.23
N TYR A 199 13.53 8.58 16.84
CA TYR A 199 12.53 9.58 17.19
C TYR A 199 12.02 10.26 15.92
N ALA A 200 10.73 10.12 15.64
CA ALA A 200 10.15 10.57 14.38
C ALA A 200 8.81 11.26 14.62
N VAL A 201 8.78 12.15 15.61
CA VAL A 201 7.62 13.01 15.85
C VAL A 201 8.06 14.46 15.67
N LYS A 202 7.38 15.17 14.78
CA LYS A 202 7.68 16.57 14.50
C LYS A 202 6.38 17.36 14.53
N GLY A 203 6.41 18.51 15.19
CA GLY A 203 5.21 19.31 15.32
C GLY A 203 4.13 18.53 16.05
N MET A 204 2.94 18.48 15.46
CA MET A 204 1.82 17.72 16.00
C MET A 204 1.37 16.68 14.98
N ASP A 205 2.34 15.99 14.38
CA ASP A 205 2.06 14.99 13.35
C ASP A 205 3.18 13.96 13.36
N VAL A 206 2.90 12.80 12.77
CA VAL A 206 3.84 11.69 12.72
C VAL A 206 3.97 11.22 11.27
N SER A 207 5.14 10.66 10.94
CA SER A 207 5.39 10.06 9.64
C SER A 207 5.70 8.58 9.82
N PHE A 208 5.05 7.74 9.00
CA PHE A 208 5.18 6.29 9.12
C PHE A 208 5.99 5.64 8.01
N SER A 209 6.14 6.29 6.85
CA SER A 209 6.88 5.67 5.75
C SER A 209 8.34 5.44 6.12
N GLY A 210 8.98 6.44 6.74
CA GLY A 210 10.33 6.26 7.23
C GLY A 210 10.40 5.22 8.33
N ILE A 211 9.43 5.25 9.26
CA ILE A 211 9.36 4.25 10.31
C ILE A 211 9.19 2.86 9.72
N LEU A 212 8.29 2.72 8.75
CA LEU A 212 8.07 1.42 8.11
C LEU A 212 9.33 0.94 7.39
N SER A 213 10.01 1.84 6.67
CA SER A 213 11.24 1.44 5.99
C SER A 213 12.30 0.98 6.97
N TYR A 214 12.44 1.71 8.08
CA TYR A 214 13.43 1.32 9.08
C TYR A 214 13.11 -0.03 9.69
N ILE A 215 11.83 -0.26 10.04
CA ILE A 215 11.49 -1.53 10.67
C ILE A 215 11.58 -2.68 9.69
N GLU A 216 11.29 -2.43 8.41
CA GLU A 216 11.51 -3.45 7.38
C GLU A 216 12.99 -3.80 7.26
N THR A 217 13.86 -2.79 7.23
CA THR A 217 15.29 -3.05 7.15
C THR A 217 15.78 -3.84 8.35
N THR A 218 15.34 -3.43 9.55
CA THR A 218 15.77 -4.14 10.76
C THR A 218 15.26 -5.57 10.78
N ALA A 219 14.01 -5.79 10.37
CA ALA A 219 13.46 -7.15 10.35
C ALA A 219 14.23 -8.03 9.37
N GLU A 220 14.52 -7.50 8.18
CA GLU A 220 15.25 -8.29 7.20
C GLU A 220 16.68 -8.57 7.67
N GLU A 221 17.27 -7.64 8.41
CA GLU A 221 18.63 -7.84 8.90
C GLU A 221 18.67 -8.83 10.07
N LYS A 222 17.59 -8.88 10.86
CA LYS A 222 17.59 -9.69 12.07
C LYS A 222 17.06 -11.09 11.86
N LEU A 223 16.14 -11.30 10.91
CA LEU A 223 15.60 -12.63 10.68
C LEU A 223 16.69 -13.61 10.23
N LYS A 224 17.51 -13.19 9.26
CA LYS A 224 18.56 -14.07 8.77
C LYS A 224 19.66 -14.29 9.81
N ASN A 225 19.90 -13.29 10.66
CA ASN A 225 20.91 -13.37 11.70
C ASN A 225 20.35 -13.87 13.02
N ASN A 226 19.07 -14.25 13.05
CA ASN A 226 18.37 -14.78 14.22
C ASN A 226 18.63 -13.97 15.49
N GLU A 227 18.88 -12.67 15.33
CA GLU A 227 19.10 -11.82 16.49
C GLU A 227 17.83 -11.58 17.29
N CYS A 228 16.67 -11.56 16.63
CA CYS A 228 15.40 -11.36 17.31
C CYS A 228 14.32 -12.14 16.58
N THR A 229 13.25 -12.43 17.30
CA THR A 229 12.08 -13.10 16.76
C THR A 229 11.10 -12.09 16.20
N PRO A 230 10.28 -12.48 15.23
CA PRO A 230 9.25 -11.56 14.73
C PRO A 230 8.30 -11.07 15.81
N ALA A 231 8.07 -11.89 16.85
CA ALA A 231 7.26 -11.44 17.98
C ALA A 231 7.87 -10.21 18.65
N ASP A 232 9.18 -10.23 18.87
CA ASP A 232 9.84 -9.07 19.47
C ASP A 232 9.77 -7.85 18.58
N LEU A 233 9.95 -8.04 17.26
CA LEU A 233 9.82 -6.93 16.33
C LEU A 233 8.43 -6.31 16.41
N CYS A 234 7.40 -7.14 16.36
CA CYS A 234 6.03 -6.63 16.41
C CYS A 234 5.74 -5.92 17.72
N TYR A 235 6.19 -6.51 18.85
CA TYR A 235 5.93 -5.90 20.15
C TYR A 235 6.63 -4.55 20.27
N SER A 236 7.89 -4.48 19.84
CA SER A 236 8.64 -3.23 19.93
C SER A 236 8.01 -2.16 19.04
N LEU A 237 7.63 -2.53 17.81
CA LEU A 237 6.98 -1.57 16.93
C LEU A 237 5.67 -1.08 17.52
N GLN A 238 4.88 -2.00 18.08
CA GLN A 238 3.60 -1.64 18.66
C GLN A 238 3.77 -0.66 19.81
N GLU A 239 4.67 -0.98 20.75
CA GLU A 239 4.89 -0.10 21.89
C GLU A 239 5.43 1.26 21.46
N THR A 240 6.38 1.27 20.51
CA THR A 240 6.95 2.54 20.07
C THR A 240 5.89 3.42 19.41
N VAL A 241 5.12 2.85 18.48
CA VAL A 241 4.13 3.66 17.77
C VAL A 241 3.06 4.16 18.73
N PHE A 242 2.66 3.34 19.70
CA PHE A 242 1.61 3.78 20.60
C PHE A 242 2.12 4.79 21.62
N ALA A 243 3.37 4.70 22.05
CA ALA A 243 3.94 5.75 22.89
C ALA A 243 4.03 7.07 22.11
N MET A 244 4.43 7.00 20.84
CA MET A 244 4.50 8.20 20.02
C MET A 244 3.11 8.82 19.87
N LEU A 245 2.10 7.98 19.65
CA LEU A 245 0.73 8.47 19.52
C LEU A 245 0.22 9.04 20.85
N VAL A 246 0.65 8.45 21.97
CA VAL A 246 0.37 9.04 23.28
C VAL A 246 0.92 10.45 23.36
N GLU A 247 2.17 10.64 22.95
CA GLU A 247 2.77 11.97 22.98
C GLU A 247 1.97 12.94 22.12
N ILE A 248 1.59 12.50 20.92
CA ILE A 248 0.88 13.39 19.99
C ILE A 248 -0.49 13.77 20.55
N THR A 249 -1.24 12.79 21.07
CA THR A 249 -2.56 13.09 21.58
C THR A 249 -2.48 13.88 22.88
N GLU A 250 -1.38 13.76 23.62
CA GLU A 250 -1.19 14.58 24.81
C GLU A 250 -0.93 16.02 24.43
N ARG A 251 -0.13 16.25 23.38
CA ARG A 251 0.03 17.59 22.85
C ARG A 251 -1.31 18.14 22.38
N ALA A 252 -2.14 17.29 21.77
CA ALA A 252 -3.47 17.71 21.36
C ALA A 252 -4.34 18.08 22.57
N MET A 253 -4.22 17.31 23.65
CA MET A 253 -4.89 17.65 24.90
C MET A 253 -4.48 19.04 25.36
N ALA A 254 -3.18 19.32 25.33
CA ALA A 254 -2.67 20.59 25.85
C ALA A 254 -3.12 21.76 24.98
N HIS A 255 -3.07 21.60 23.65
CA HIS A 255 -3.33 22.74 22.76
C HIS A 255 -4.78 23.19 22.85
N CYS A 256 -5.72 22.25 22.79
CA CYS A 256 -7.15 22.58 22.79
C CYS A 256 -7.76 22.52 24.18
N ASP A 257 -6.99 22.14 25.21
CA ASP A 257 -7.47 22.06 26.59
C ASP A 257 -8.67 21.12 26.69
N LYS A 258 -8.42 19.85 26.37
CA LYS A 258 -9.44 18.81 26.41
C LYS A 258 -9.09 17.77 27.47
N LYS A 259 -10.12 17.15 28.02
CA LYS A 259 -9.97 16.22 29.15
C LYS A 259 -10.27 14.78 28.78
N ASP A 260 -11.46 14.50 28.25
CA ASP A 260 -11.84 13.13 27.91
C ASP A 260 -11.19 12.70 26.61
N VAL A 261 -11.18 11.38 26.38
CA VAL A 261 -10.52 10.79 25.22
C VAL A 261 -11.38 9.68 24.66
N LEU A 262 -11.54 9.67 23.34
CA LEU A 262 -12.25 8.62 22.63
C LEU A 262 -11.32 8.00 21.58
N ILE A 263 -11.40 6.68 21.43
CA ILE A 263 -10.60 5.93 20.47
C ILE A 263 -11.55 5.17 19.56
N VAL A 264 -11.32 5.28 18.24
CA VAL A 264 -12.14 4.60 17.25
C VAL A 264 -11.25 4.11 16.11
N GLY A 265 -11.80 3.22 15.30
CA GLY A 265 -11.11 2.64 14.16
C GLY A 265 -10.81 1.17 14.37
N GLY A 266 -10.22 0.58 13.34
CA GLY A 266 -9.92 -0.85 13.38
C GLY A 266 -8.95 -1.21 14.49
N VAL A 267 -7.86 -0.45 14.63
CA VAL A 267 -6.88 -0.72 15.67
C VAL A 267 -7.49 -0.58 17.05
N GLY A 268 -8.62 0.11 17.17
CA GLY A 268 -9.33 0.17 18.44
C GLY A 268 -9.78 -1.18 18.96
N CYS A 269 -9.86 -2.19 18.08
CA CYS A 269 -10.15 -3.55 18.53
C CYS A 269 -9.10 -4.08 19.49
N ASN A 270 -7.87 -3.58 19.43
CA ASN A 270 -6.81 -4.01 20.33
C ASN A 270 -7.09 -3.54 21.75
N GLU A 271 -6.23 -3.97 22.67
CA GLU A 271 -6.36 -3.63 24.07
C GLU A 271 -5.19 -2.84 24.63
N ARG A 272 -4.00 -2.98 24.04
CA ARG A 272 -2.83 -2.25 24.55
C ARG A 272 -3.02 -0.75 24.43
N LEU A 273 -3.64 -0.30 23.34
CA LEU A 273 -3.98 1.11 23.20
C LEU A 273 -4.86 1.56 24.35
N GLN A 274 -5.88 0.77 24.69
CA GLN A 274 -6.78 1.14 25.77
C GLN A 274 -6.05 1.18 27.11
N GLU A 275 -5.16 0.21 27.35
CA GLU A 275 -4.41 0.21 28.61
C GLU A 275 -3.55 1.46 28.74
N MET A 276 -2.78 1.78 27.69
CA MET A 276 -1.90 2.95 27.76
C MET A 276 -2.72 4.24 27.86
N MET A 277 -3.83 4.33 27.11
CA MET A 277 -4.64 5.52 27.14
C MET A 277 -5.30 5.73 28.51
N ARG A 278 -5.77 4.64 29.12
CA ARG A 278 -6.36 4.77 30.45
C ARG A 278 -5.30 5.12 31.49
N THR A 279 -4.09 4.59 31.32
CA THR A 279 -3.00 5.00 32.20
C THR A 279 -2.75 6.51 32.08
N MET A 280 -2.72 7.01 30.85
CA MET A 280 -2.49 8.44 30.64
C MET A 280 -3.62 9.27 31.22
N CYS A 281 -4.87 8.82 31.03
CA CYS A 281 -6.01 9.55 31.57
C CYS A 281 -5.99 9.58 33.08
N SER A 282 -5.61 8.46 33.71
CA SER A 282 -5.46 8.44 35.16
C SER A 282 -4.36 9.39 35.61
N GLU A 283 -3.25 9.44 34.88
CA GLU A 283 -2.18 10.36 35.23
C GLU A 283 -2.63 11.81 35.14
N ARG A 284 -3.38 12.15 34.09
CA ARG A 284 -3.80 13.53 33.84
C ARG A 284 -5.25 13.78 34.25
N ASP A 285 -5.82 12.91 35.08
CA ASP A 285 -7.19 13.04 35.57
C ASP A 285 -8.18 13.07 34.42
N GLY A 286 -7.89 12.30 33.37
CA GLY A 286 -8.80 12.12 32.25
C GLY A 286 -9.61 10.85 32.40
N LYS A 287 -10.49 10.62 31.42
CA LYS A 287 -11.34 9.44 31.39
C LYS A 287 -11.37 8.89 29.96
N LEU A 288 -10.46 7.97 29.66
CA LEU A 288 -10.53 7.22 28.42
C LEU A 288 -11.86 6.48 28.33
N PHE A 289 -12.46 6.46 27.16
CA PHE A 289 -13.65 5.64 26.92
C PHE A 289 -13.29 4.46 26.03
N ALA A 290 -13.73 3.26 26.43
CA ALA A 290 -13.28 2.01 25.85
C ALA A 290 -13.79 1.78 24.43
N THR A 291 -13.42 0.65 23.83
CA THR A 291 -13.75 0.32 22.46
C THR A 291 -14.35 -1.08 22.39
N ASP A 292 -15.00 -1.38 21.26
CA ASP A 292 -15.53 -2.71 20.99
C ASP A 292 -15.51 -2.93 19.49
N ASP A 293 -15.54 -4.20 19.09
CA ASP A 293 -15.35 -4.55 17.69
C ASP A 293 -16.51 -4.09 16.80
N ARG A 294 -17.75 -4.33 17.23
CA ARG A 294 -18.89 -4.06 16.36
C ARG A 294 -19.16 -2.57 16.19
N TYR A 295 -18.57 -1.72 17.03
CA TYR A 295 -18.79 -0.28 16.97
C TYR A 295 -17.55 0.49 16.54
N CYS A 296 -16.52 -0.21 16.06
CA CYS A 296 -15.28 0.45 15.65
C CYS A 296 -14.72 -0.03 14.31
N ILE A 297 -15.23 -1.12 13.75
CA ILE A 297 -14.73 -1.64 12.48
C ILE A 297 -15.56 -1.04 11.35
N ASP A 298 -14.96 -1.00 10.15
CA ASP A 298 -15.61 -0.38 9.00
C ASP A 298 -16.88 -1.15 8.63
N ASN A 299 -18.02 -0.47 8.74
CA ASN A 299 -19.31 -1.03 8.33
C ASN A 299 -20.27 0.13 8.13
N GLY A 300 -21.55 -0.20 7.90
CA GLY A 300 -22.52 0.81 7.53
C GLY A 300 -23.15 1.55 8.68
N ALA A 301 -22.95 1.09 9.92
CA ALA A 301 -23.66 1.69 11.05
C ALA A 301 -23.26 3.14 11.28
N MET A 302 -21.96 3.41 11.32
CA MET A 302 -21.48 4.77 11.56
C MET A 302 -21.87 5.70 10.40
N ILE A 303 -21.78 5.19 9.17
CA ILE A 303 -22.18 5.97 8.01
C ILE A 303 -23.65 6.36 8.14
N ALA A 304 -24.49 5.39 8.49
CA ALA A 304 -25.93 5.66 8.62
C ALA A 304 -26.20 6.63 9.75
N TYR A 305 -25.41 6.58 10.83
CA TYR A 305 -25.64 7.48 11.94
C TYR A 305 -25.29 8.92 11.57
N THR A 306 -24.14 9.12 10.92
CA THR A 306 -23.80 10.46 10.45
C THR A 306 -24.85 10.96 9.46
N GLY A 307 -25.34 10.08 8.59
CA GLY A 307 -26.40 10.47 7.68
C GLY A 307 -27.69 10.85 8.40
N LEU A 308 -28.01 10.14 9.48
CA LEU A 308 -29.18 10.50 10.26
C LEU A 308 -29.04 11.89 10.84
N LEU A 309 -27.86 12.20 11.40
CA LEU A 309 -27.62 13.55 11.90
C LEU A 309 -27.81 14.58 10.79
N ALA A 310 -27.16 14.36 9.64
CA ALA A 310 -27.20 15.34 8.57
C ALA A 310 -28.63 15.54 8.06
N PHE A 311 -29.40 14.47 7.94
CA PHE A 311 -30.76 14.59 7.42
C PHE A 311 -31.67 15.28 8.42
N VAL A 312 -31.62 14.89 9.70
CA VAL A 312 -32.50 15.52 10.68
C VAL A 312 -32.09 16.96 10.97
N ASN A 313 -30.86 17.35 10.64
CA ASN A 313 -30.47 18.76 10.73
C ASN A 313 -31.00 19.61 9.59
N GLY A 314 -31.05 19.07 8.37
CA GLY A 314 -31.59 19.82 7.25
C GLY A 314 -30.79 19.69 5.96
N ILE A 315 -29.49 19.48 6.08
CA ILE A 315 -28.64 19.39 4.89
C ILE A 315 -29.04 18.18 4.06
N GLU A 316 -29.07 18.36 2.74
CA GLU A 316 -29.46 17.30 1.82
C GLU A 316 -28.77 17.52 0.48
N THR A 317 -28.70 16.46 -0.32
CA THR A 317 -28.07 16.51 -1.63
C THR A 317 -29.02 15.94 -2.68
N PRO A 318 -29.26 16.66 -3.77
CA PRO A 318 -30.20 16.16 -4.79
C PRO A 318 -29.61 14.99 -5.57
N ILE A 319 -30.50 14.26 -6.26
CA ILE A 319 -30.07 13.09 -7.02
C ILE A 319 -29.16 13.49 -8.17
N GLU A 320 -29.37 14.68 -8.74
CA GLU A 320 -28.48 15.15 -9.80
C GLU A 320 -27.13 15.58 -9.27
N ASP A 321 -26.98 15.67 -7.95
CA ASP A 321 -25.70 16.02 -7.33
C ASP A 321 -25.05 14.83 -6.63
N SER A 322 -25.39 13.60 -7.04
CA SER A 322 -24.83 12.39 -6.43
C SER A 322 -23.44 12.11 -6.99
N THR A 323 -22.57 13.11 -6.86
CA THR A 323 -21.22 13.05 -7.42
C THR A 323 -20.27 12.52 -6.35
N PHE A 324 -19.99 11.23 -6.39
CA PHE A 324 -19.02 10.65 -5.46
C PHE A 324 -17.63 11.23 -5.75
N THR A 325 -16.83 11.33 -4.70
CA THR A 325 -15.50 11.90 -4.81
C THR A 325 -14.48 10.93 -4.23
N GLN A 326 -13.34 10.80 -4.91
CA GLN A 326 -12.26 9.99 -4.39
C GLN A 326 -11.63 10.63 -3.16
N ARG A 327 -11.64 11.97 -3.09
CA ARG A 327 -11.11 12.71 -1.95
C ARG A 327 -12.24 13.57 -1.40
N PHE A 328 -12.46 13.49 -0.08
CA PHE A 328 -13.49 14.29 0.59
C PHE A 328 -13.01 14.49 2.03
N ARG A 329 -12.47 15.66 2.30
CA ARG A 329 -11.89 15.95 3.61
C ARG A 329 -12.98 16.09 4.67
N THR A 330 -12.59 15.90 5.93
CA THR A 330 -13.54 15.96 7.03
C THR A 330 -13.98 17.39 7.32
N ASP A 331 -13.04 18.34 7.27
CA ASP A 331 -13.35 19.73 7.62
C ASP A 331 -14.38 20.35 6.69
N GLU A 332 -14.48 19.87 5.45
CA GLU A 332 -15.51 20.37 4.54
C GLU A 332 -16.91 20.10 5.06
N VAL A 333 -17.09 19.08 5.88
CA VAL A 333 -18.38 18.79 6.48
C VAL A 333 -18.64 19.81 7.58
N HIS A 334 -19.64 20.65 7.38
CA HIS A 334 -20.02 21.66 8.36
C HIS A 334 -20.85 20.97 9.45
N ALA A 335 -20.26 20.81 10.63
CA ALA A 335 -20.91 20.06 11.69
C ALA A 335 -22.06 20.84 12.29
N VAL A 336 -23.18 20.90 11.57
CA VAL A 336 -24.32 21.68 12.01
C VAL A 336 -25.05 20.99 13.16
N TRP A 337 -24.85 19.68 13.33
CA TRP A 337 -25.57 18.95 14.37
C TRP A 337 -25.17 19.42 15.76
N ARG A 338 -23.87 19.68 15.98
CA ARG A 338 -23.40 19.97 17.33
C ARG A 338 -23.69 21.40 17.75
N GLU A 339 -23.55 22.37 16.83
CA GLU A 339 -23.80 23.77 17.19
C GLU A 339 -25.24 23.99 17.62
N LYS A 340 -26.20 23.37 16.93
CA LYS A 340 -27.61 23.56 17.21
C LYS A 340 -27.98 23.04 18.60
N LEU B 14 6.11 24.62 44.77
CA LEU B 14 5.68 24.31 43.41
C LEU B 14 4.93 25.49 42.78
N ILE B 15 5.43 25.95 41.64
CA ILE B 15 4.80 27.05 40.93
C ILE B 15 3.74 26.54 39.95
N LYS B 16 4.12 25.64 39.05
CA LYS B 16 3.20 25.10 38.07
C LYS B 16 3.74 23.77 37.57
N GLN B 17 2.82 22.90 37.15
CA GLN B 17 3.17 21.61 36.55
C GLN B 17 2.72 21.63 35.10
N GLY B 18 3.67 21.39 34.18
CA GLY B 18 3.37 21.36 32.76
C GLY B 18 2.79 20.03 32.31
N ALA B 19 2.38 19.99 31.05
CA ALA B 19 1.83 18.76 30.49
C ALA B 19 2.87 17.65 30.41
N GLU B 20 4.13 18.00 30.14
CA GLU B 20 5.20 17.04 30.03
C GLU B 20 6.28 17.18 31.10
N ALA B 21 6.31 18.30 31.83
CA ALA B 21 7.35 18.54 32.81
C ALA B 21 6.77 19.37 33.95
N ARG B 22 7.67 19.93 34.77
CA ARG B 22 7.30 20.78 35.89
C ARG B 22 8.26 21.94 36.01
N VAL B 23 7.79 23.04 36.59
CA VAL B 23 8.61 24.20 36.88
C VAL B 23 8.57 24.44 38.38
N PHE B 24 9.73 24.69 38.98
CA PHE B 24 9.88 24.80 40.43
C PHE B 24 10.63 26.08 40.78
N GLU B 25 10.38 26.57 41.99
CA GLU B 25 11.04 27.77 42.50
C GLU B 25 12.05 27.40 43.56
N SER B 26 13.26 27.92 43.42
CA SER B 26 14.34 27.67 44.38
C SER B 26 15.37 28.77 44.23
N THR B 27 16.50 28.62 44.91
CA THR B 27 17.60 29.58 44.85
C THR B 27 18.84 28.91 44.29
N PHE B 28 19.42 29.53 43.27
CA PHE B 28 20.63 29.00 42.63
C PHE B 28 21.75 30.00 42.83
N ALA B 29 22.87 29.54 43.40
CA ALA B 29 24.07 30.35 43.56
C ALA B 29 23.78 31.65 44.32
N GLY B 30 22.87 31.58 45.28
CA GLY B 30 22.50 32.76 46.04
C GLY B 30 21.64 33.74 45.30
N ARG B 31 21.14 33.39 44.12
CA ARG B 31 20.28 34.25 43.33
C ARG B 31 18.88 33.65 43.27
N ARG B 32 17.87 34.52 43.21
CA ARG B 32 16.52 34.05 42.98
C ARG B 32 16.45 33.35 41.63
N SER B 33 15.87 32.15 41.63
CA SER B 33 15.94 31.28 40.46
C SER B 33 14.64 30.51 40.31
N ILE B 34 14.46 29.94 39.12
CA ILE B 34 13.36 29.04 38.83
C ILE B 34 13.93 27.76 38.25
N VAL B 35 13.28 26.64 38.54
CA VAL B 35 13.77 25.32 38.14
C VAL B 35 12.72 24.68 37.25
N LYS B 36 13.06 24.48 35.98
CA LYS B 36 12.18 23.81 35.03
C LYS B 36 12.64 22.36 34.95
N GLU B 37 11.95 21.47 35.65
CA GLU B 37 12.37 20.09 35.81
C GLU B 37 11.56 19.19 34.88
N ARG B 38 12.27 18.47 34.01
CA ARG B 38 11.64 17.51 33.10
C ARG B 38 11.64 16.15 33.77
N PHE B 39 10.79 16.02 34.78
CA PHE B 39 10.69 14.77 35.52
C PHE B 39 10.22 13.64 34.62
N SER B 40 10.71 12.44 34.91
CA SER B 40 10.42 11.28 34.09
C SER B 40 8.93 10.96 34.10
N LYS B 41 8.28 11.13 32.96
CA LYS B 41 6.89 10.74 32.80
C LYS B 41 6.79 9.23 32.65
N LYS B 42 5.57 8.71 32.80
CA LYS B 42 5.33 7.28 32.79
C LYS B 42 4.70 6.79 31.50
N TYR B 43 4.77 7.57 30.42
CA TYR B 43 4.26 7.12 29.13
C TYR B 43 5.32 6.43 28.29
N ARG B 44 6.53 6.26 28.81
CA ARG B 44 7.62 5.65 28.08
C ARG B 44 8.24 4.52 28.91
N HIS B 45 8.81 3.54 28.22
CA HIS B 45 9.56 2.49 28.91
C HIS B 45 10.87 3.08 29.44
N PRO B 46 11.47 2.45 30.46
CA PRO B 46 12.63 3.07 31.14
C PRO B 46 13.75 3.52 30.21
N ILE B 47 14.24 2.64 29.34
CA ILE B 47 15.28 3.05 28.38
C ILE B 47 14.71 4.08 27.41
N LEU B 48 13.48 3.87 26.94
CA LEU B 48 12.83 4.82 26.05
C LEU B 48 12.66 6.17 26.74
N ASP B 49 12.20 6.15 27.99
CA ASP B 49 12.01 7.39 28.73
C ASP B 49 13.32 8.13 28.92
N ALA B 50 14.39 7.40 29.28
CA ALA B 50 15.68 8.04 29.45
C ALA B 50 16.17 8.66 28.15
N LYS B 51 16.03 7.93 27.04
CA LYS B 51 16.49 8.44 25.75
C LYS B 51 15.75 9.70 25.37
N LEU B 52 14.41 9.68 25.44
CA LEU B 52 13.66 10.87 25.02
C LEU B 52 13.86 12.03 25.97
N THR B 53 13.94 11.78 27.29
CA THR B 53 14.21 12.88 28.21
C THR B 53 15.54 13.53 27.90
N LEU B 54 16.59 12.73 27.72
CA LEU B 54 17.90 13.29 27.40
C LEU B 54 17.85 14.08 26.09
N LYS B 55 17.27 13.48 25.05
CA LYS B 55 17.28 14.11 23.74
C LYS B 55 16.48 15.41 23.74
N ARG B 56 15.32 15.43 24.39
CA ARG B 56 14.51 16.64 24.39
C ARG B 56 15.09 17.71 25.31
N LEU B 57 15.78 17.30 26.37
CA LEU B 57 16.53 18.27 27.16
C LEU B 57 17.61 18.93 26.32
N ASN B 58 18.37 18.13 25.56
CA ASN B 58 19.37 18.69 24.67
C ASN B 58 18.74 19.59 23.63
N ALA B 59 17.58 19.20 23.10
CA ALA B 59 16.90 20.02 22.09
C ALA B 59 16.45 21.35 22.67
N GLU B 60 15.91 21.35 23.90
CA GLU B 60 15.48 22.59 24.51
C GLU B 60 16.66 23.51 24.78
N ALA B 61 17.76 22.95 25.28
CA ALA B 61 18.96 23.75 25.49
C ALA B 61 19.46 24.35 24.18
N ARG B 62 19.48 23.53 23.12
CA ARG B 62 19.91 24.01 21.81
C ARG B 62 19.00 25.11 21.28
N CYS B 63 17.68 24.96 21.46
CA CYS B 63 16.75 25.97 21.00
C CYS B 63 16.95 27.28 21.74
N MET B 64 17.15 27.22 23.06
CA MET B 64 17.43 28.44 23.80
C MET B 64 18.73 29.09 23.32
N THR B 65 19.77 28.28 23.08
CA THR B 65 21.04 28.82 22.62
C THR B 65 20.87 29.50 21.26
N LYS B 66 20.16 28.86 20.33
CA LYS B 66 20.01 29.41 18.99
C LYS B 66 19.16 30.67 19.00
N ALA B 67 18.04 30.66 19.74
CA ALA B 67 17.23 31.87 19.84
C ALA B 67 17.99 33.01 20.50
N ARG B 68 18.91 32.69 21.42
CA ARG B 68 19.80 33.72 21.95
C ARG B 68 20.74 34.23 20.86
N LYS B 69 21.25 33.33 20.01
CA LYS B 69 22.17 33.72 18.96
C LYS B 69 21.53 34.62 17.91
N LEU B 70 20.20 34.70 17.88
CA LEU B 70 19.48 35.50 16.89
C LEU B 70 19.04 36.86 17.43
N GLY B 71 19.53 37.27 18.59
CA GLY B 71 19.17 38.56 19.13
C GLY B 71 17.78 38.65 19.70
N VAL B 72 17.21 37.53 20.14
CA VAL B 72 15.89 37.50 20.78
C VAL B 72 16.08 37.20 22.25
N CYS B 73 15.54 38.06 23.12
CA CYS B 73 15.77 37.91 24.55
C CYS B 73 15.01 36.70 25.09
N THR B 74 15.69 35.89 25.89
CA THR B 74 15.17 34.68 26.48
C THR B 74 15.69 34.57 27.91
N PRO B 75 15.02 33.80 28.76
CA PRO B 75 15.57 33.54 30.10
C PRO B 75 16.93 32.86 30.01
N VAL B 76 17.81 33.24 30.93
CA VAL B 76 19.19 32.74 30.90
C VAL B 76 19.26 31.38 31.57
N LEU B 77 19.95 30.45 30.91
CA LEU B 77 20.12 29.09 31.42
C LEU B 77 21.23 29.08 32.47
N TYR B 78 20.88 28.72 33.71
CA TYR B 78 21.88 28.72 34.79
C TYR B 78 22.72 27.45 34.79
N ALA B 79 22.10 26.29 35.00
CA ALA B 79 22.83 25.05 35.15
C ALA B 79 22.00 23.88 34.65
N VAL B 80 22.68 22.80 34.31
CA VAL B 80 22.04 21.57 33.83
C VAL B 80 22.56 20.41 34.66
N ASP B 81 21.64 19.69 35.29
CA ASP B 81 21.97 18.48 36.04
C ASP B 81 21.58 17.28 35.20
N THR B 82 22.58 16.58 34.66
CA THR B 82 22.30 15.46 33.76
C THR B 82 21.61 14.32 34.50
N LEU B 83 21.99 14.07 35.76
CA LEU B 83 21.44 12.97 36.53
C LEU B 83 20.11 13.32 37.20
N LEU B 84 19.54 14.49 36.92
CA LEU B 84 18.25 14.87 37.47
C LEU B 84 17.29 15.46 36.44
N HIS B 85 17.76 15.82 35.25
CA HIS B 85 16.90 16.35 34.19
C HIS B 85 16.19 17.63 34.64
N SER B 86 16.96 18.67 34.93
CA SER B 86 16.42 19.93 35.42
C SER B 86 16.98 21.09 34.62
N LEU B 87 16.15 22.12 34.45
CA LEU B 87 16.54 23.37 33.82
C LEU B 87 16.41 24.50 34.81
N THR B 88 17.51 25.20 35.06
CA THR B 88 17.54 26.35 35.94
C THR B 88 17.57 27.63 35.10
N LEU B 89 16.63 28.53 35.37
CA LEU B 89 16.47 29.73 34.56
C LEU B 89 16.41 30.95 35.46
N GLU B 90 16.88 32.07 34.91
CA GLU B 90 16.78 33.35 35.60
C GLU B 90 15.33 33.77 35.74
N TYR B 91 15.01 34.40 36.87
CA TYR B 91 13.67 34.92 37.12
C TYR B 91 13.57 36.33 36.56
N ILE B 92 12.50 36.58 35.81
CA ILE B 92 12.31 37.83 35.09
C ILE B 92 11.13 38.58 35.68
N GLU B 93 11.30 39.88 35.91
CA GLU B 93 10.23 40.75 36.37
C GLU B 93 9.67 41.50 35.17
N GLY B 94 8.37 41.37 34.94
CA GLY B 94 7.78 42.03 33.80
C GLY B 94 6.27 41.87 33.80
N VAL B 95 5.68 42.22 32.67
CA VAL B 95 4.24 42.22 32.48
C VAL B 95 3.90 41.41 31.23
N SER B 96 2.77 40.70 31.30
CA SER B 96 2.32 39.87 30.19
C SER B 96 1.60 40.71 29.15
N VAL B 97 1.68 40.27 27.89
CA VAL B 97 0.99 40.97 26.81
C VAL B 97 -0.51 40.88 26.99
N LYS B 98 -1.00 39.74 27.49
CA LYS B 98 -2.44 39.58 27.68
C LYS B 98 -2.99 40.57 28.70
N ASP B 99 -2.24 40.83 29.77
CA ASP B 99 -2.69 41.82 30.76
C ASP B 99 -2.74 43.22 30.15
N ILE B 100 -1.74 43.58 29.36
CA ILE B 100 -1.72 44.90 28.72
C ILE B 100 -2.89 45.03 27.76
N PHE B 101 -3.19 43.98 26.99
CA PHE B 101 -4.30 44.05 26.05
C PHE B 101 -5.64 44.07 26.77
N LEU B 102 -5.75 43.37 27.91
CA LEU B 102 -6.97 43.46 28.70
C LEU B 102 -7.16 44.86 29.24
N GLU B 103 -6.07 45.50 29.68
CA GLU B 103 -6.15 46.89 30.13
C GLU B 103 -6.57 47.80 28.97
N PHE B 104 -6.04 47.56 27.78
CA PHE B 104 -6.44 48.34 26.61
C PHE B 104 -7.93 48.17 26.33
N GLY B 105 -8.41 46.93 26.40
CA GLY B 105 -9.83 46.68 26.13
C GLY B 105 -10.75 47.29 27.16
N THR B 106 -10.36 47.26 28.43
CA THR B 106 -11.23 47.71 29.51
C THR B 106 -11.17 49.22 29.73
N ASN B 107 -9.97 49.80 29.80
CA ASN B 107 -9.82 51.21 30.15
C ASN B 107 -9.46 52.09 28.97
N GLY B 108 -9.40 51.56 27.76
CA GLY B 108 -9.06 52.37 26.60
C GLY B 108 -7.71 51.97 26.04
N VAL B 109 -7.63 51.89 24.71
CA VAL B 109 -6.42 51.46 24.04
C VAL B 109 -5.53 52.65 23.79
N VAL B 110 -4.30 52.59 24.29
CA VAL B 110 -3.29 53.61 24.01
C VAL B 110 -2.62 53.22 22.68
N GLU B 111 -2.86 54.04 21.66
CA GLU B 111 -2.45 53.65 20.31
C GLU B 111 -0.94 53.62 20.16
N GLU B 112 -0.23 54.56 20.78
CA GLU B 112 1.22 54.59 20.64
C GLU B 112 1.88 53.39 21.30
N ARG B 113 1.40 53.01 22.49
CA ARG B 113 1.94 51.82 23.15
C ARG B 113 1.64 50.56 22.35
N LEU B 114 0.41 50.46 21.82
CA LEU B 114 0.05 49.30 21.01
C LEU B 114 0.91 49.21 19.75
N ASP B 115 1.14 50.35 19.10
CA ASP B 115 1.97 50.36 17.89
C ASP B 115 3.41 49.97 18.21
N ASP B 116 3.95 50.49 19.31
CA ASP B 116 5.31 50.12 19.69
C ASP B 116 5.42 48.64 20.01
N VAL B 117 4.44 48.09 20.73
CA VAL B 117 4.45 46.68 21.07
C VAL B 117 4.35 45.83 19.80
N ALA B 118 3.46 46.22 18.88
CA ALA B 118 3.31 45.47 17.64
C ALA B 118 4.60 45.51 16.83
N ALA B 119 5.24 46.67 16.73
CA ALA B 119 6.49 46.77 15.99
C ALA B 119 7.58 45.91 16.62
N GLN B 120 7.70 45.94 17.95
CA GLN B 120 8.72 45.15 18.61
C GLN B 120 8.48 43.65 18.42
N ILE B 121 7.23 43.20 18.59
CA ILE B 121 6.96 41.78 18.45
C ILE B 121 7.14 41.33 17.01
N GLY B 122 6.78 42.18 16.05
CA GLY B 122 7.01 41.84 14.66
C GLY B 122 8.48 41.74 14.32
N ALA B 123 9.29 42.67 14.83
CA ALA B 123 10.74 42.60 14.62
C ALA B 123 11.32 41.33 15.23
N ALA B 124 10.90 40.99 16.45
CA ALA B 124 11.40 39.78 17.09
C ALA B 124 10.99 38.53 16.31
N ILE B 125 9.74 38.49 15.86
CA ILE B 125 9.26 37.34 15.10
C ILE B 125 10.04 37.19 13.80
N ALA B 126 10.28 38.30 13.11
CA ALA B 126 11.07 38.25 11.88
C ALA B 126 12.49 37.79 12.15
N LYS B 127 13.09 38.28 13.23
CA LYS B 127 14.46 37.89 13.57
C LYS B 127 14.55 36.40 13.86
N LEU B 128 13.56 35.86 14.58
CA LEU B 128 13.56 34.42 14.84
C LEU B 128 13.28 33.64 13.57
N HIS B 129 12.42 34.16 12.69
CA HIS B 129 12.00 33.41 11.51
C HIS B 129 13.10 33.33 10.47
N ASP B 130 13.89 34.40 10.30
CA ASP B 130 14.92 34.38 9.28
C ASP B 130 16.03 33.38 9.59
N GLY B 131 16.13 32.92 10.83
CA GLY B 131 17.14 31.95 11.21
C GLY B 131 16.81 30.51 10.90
N GLY B 132 15.66 30.25 10.29
CA GLY B 132 15.27 28.88 9.98
C GLY B 132 14.94 28.04 11.19
N LEU B 133 14.26 28.62 12.18
CA LEU B 133 13.85 27.90 13.38
C LEU B 133 12.48 28.40 13.81
N ALA B 134 11.49 27.52 13.75
CA ALA B 134 10.13 27.86 14.14
C ALA B 134 9.98 27.81 15.66
N HIS B 135 8.88 28.36 16.15
CA HIS B 135 8.57 28.34 17.57
C HIS B 135 7.29 27.58 17.86
N GLY B 136 6.18 27.93 17.21
CA GLY B 136 4.96 27.15 17.26
C GLY B 136 3.99 27.53 18.36
N ASP B 137 4.40 28.35 19.32
CA ASP B 137 3.53 28.69 20.44
C ASP B 137 3.61 30.19 20.75
N LEU B 138 3.54 31.01 19.71
CA LEU B 138 3.65 32.46 19.87
C LEU B 138 2.31 33.00 20.38
N THR B 139 2.00 32.66 21.62
CA THR B 139 0.75 33.05 22.26
C THR B 139 1.01 34.17 23.25
N THR B 140 -0.02 34.99 23.48
CA THR B 140 0.14 36.18 24.31
C THR B 140 0.59 35.84 25.73
N SER B 141 0.38 34.61 26.19
CA SER B 141 0.90 34.20 27.48
C SER B 141 2.40 33.92 27.42
N ASN B 142 2.95 33.75 26.22
CA ASN B 142 4.35 33.36 26.08
C ASN B 142 5.31 34.54 26.27
N MET B 143 5.24 35.53 25.40
CA MET B 143 6.21 36.62 25.48
C MET B 143 5.86 37.57 26.62
N LEU B 144 6.87 38.04 27.31
CA LEU B 144 6.74 38.99 28.41
C LEU B 144 7.45 40.28 28.04
N VAL B 145 7.11 41.36 28.73
CA VAL B 145 7.77 42.65 28.54
C VAL B 145 8.44 43.02 29.85
N ARG B 146 9.75 43.22 29.80
CA ARG B 146 10.51 43.47 31.01
C ARG B 146 10.14 44.82 31.62
N SER B 147 9.87 44.83 32.92
CA SER B 147 9.48 46.06 33.60
C SER B 147 10.64 47.04 33.63
N GLY B 148 10.32 48.32 33.44
CA GLY B 148 11.29 49.39 33.43
C GLY B 148 12.01 49.60 32.11
N THR B 149 12.46 48.52 31.49
CA THR B 149 13.17 48.59 30.22
C THR B 149 12.27 48.29 29.02
N ASN B 150 11.01 47.93 29.26
CA ASN B 150 10.02 47.64 28.21
C ASN B 150 10.60 46.75 27.11
N GLN B 151 11.48 45.82 27.48
CA GLN B 151 12.12 44.95 26.53
C GLN B 151 11.36 43.63 26.43
N LEU B 152 11.30 43.06 25.22
CA LEU B 152 10.53 41.86 24.97
C LEU B 152 11.37 40.61 25.20
N VAL B 153 10.80 39.61 25.86
CA VAL B 153 11.46 38.35 26.15
C VAL B 153 10.52 37.21 25.77
N LEU B 154 11.10 36.09 25.35
CA LEU B 154 10.35 34.92 24.91
C LEU B 154 10.76 33.69 25.71
N ILE B 155 9.76 32.89 26.11
CA ILE B 155 9.97 31.72 26.94
C ILE B 155 9.28 30.51 26.31
N ASP B 156 9.26 29.37 27.02
CA ASP B 156 8.42 28.22 26.69
C ASP B 156 8.75 27.67 25.30
N PHE B 157 9.97 27.14 25.21
CA PHE B 157 10.47 26.53 23.97
C PHE B 157 10.05 25.08 23.82
N GLY B 158 9.00 24.63 24.52
CA GLY B 158 8.67 23.22 24.54
C GLY B 158 8.29 22.65 23.18
N LEU B 159 7.68 23.45 22.32
CA LEU B 159 7.23 22.99 21.01
C LEU B 159 8.09 23.53 19.87
N SER B 160 9.29 24.04 20.19
CA SER B 160 10.16 24.59 19.17
C SER B 160 10.69 23.48 18.26
N VAL B 161 10.62 23.73 16.95
CA VAL B 161 11.11 22.79 15.94
C VAL B 161 11.92 23.57 14.92
N THR B 162 13.01 22.96 14.44
CA THR B 162 13.92 23.62 13.52
C THR B 162 13.65 23.15 12.10
N SER B 163 13.39 24.10 11.20
CA SER B 163 13.19 23.80 9.79
C SER B 163 13.27 25.10 9.00
N THR B 164 13.63 24.96 7.73
CA THR B 164 13.76 26.11 6.83
C THR B 164 12.53 26.32 5.95
N LEU B 165 11.49 25.53 6.13
CA LEU B 165 10.31 25.63 5.26
C LEU B 165 9.52 26.89 5.59
N PRO B 166 9.20 27.73 4.61
CA PRO B 166 8.32 28.88 4.87
C PRO B 166 6.93 28.47 5.34
N GLU B 167 6.52 27.24 5.07
CA GLU B 167 5.24 26.74 5.58
C GLU B 167 5.18 26.87 7.10
N ASP B 168 6.27 26.53 7.79
CA ASP B 168 6.29 26.61 9.24
C ASP B 168 6.14 28.04 9.74
N LYS B 169 6.84 28.99 9.11
CA LYS B 169 6.72 30.38 9.51
C LYS B 169 5.31 30.90 9.27
N ALA B 170 4.73 30.55 8.12
CA ALA B 170 3.36 30.97 7.83
C ALA B 170 2.38 30.37 8.84
N VAL B 171 2.59 29.10 9.21
CA VAL B 171 1.72 28.47 10.21
C VAL B 171 1.88 29.16 11.56
N ASP B 172 3.10 29.54 11.91
CA ASP B 172 3.34 30.24 13.18
C ASP B 172 2.59 31.57 13.20
N LEU B 173 2.69 32.34 12.13
CA LEU B 173 1.98 33.61 12.06
C LEU B 173 0.47 33.41 12.08
N TYR B 174 0.00 32.36 11.39
CA TYR B 174 -1.43 32.06 11.38
C TYR B 174 -1.93 31.71 12.78
N VAL B 175 -1.16 30.91 13.52
CA VAL B 175 -1.54 30.56 14.89
C VAL B 175 -1.51 31.80 15.77
N LEU B 176 -0.53 32.68 15.56
CA LEU B 176 -0.47 33.92 16.35
C LEU B 176 -1.71 34.77 16.13
N GLU B 177 -2.09 34.97 14.87
CA GLU B 177 -3.27 35.79 14.60
C GLU B 177 -4.55 35.11 15.04
N ARG B 178 -4.62 33.77 14.95
CA ARG B 178 -5.78 33.05 15.45
C ARG B 178 -5.92 33.21 16.96
N ALA B 179 -4.80 33.16 17.69
CA ALA B 179 -4.83 33.38 19.13
C ALA B 179 -5.25 34.81 19.44
N LEU B 180 -4.76 35.78 18.65
CA LEU B 180 -5.16 37.16 18.85
C LEU B 180 -6.66 37.34 18.64
N LEU B 181 -7.23 36.68 17.64
CA LEU B 181 -8.68 36.71 17.46
C LEU B 181 -9.39 36.02 18.62
N SER B 182 -8.84 34.90 19.10
CA SER B 182 -9.49 34.14 20.17
C SER B 182 -9.52 34.92 21.48
N MET B 183 -8.49 35.73 21.74
CA MET B 183 -8.46 36.54 22.96
C MET B 183 -9.31 37.80 22.85
N HIS B 184 -10.22 37.85 21.87
CA HIS B 184 -11.20 38.91 21.69
C HIS B 184 -10.58 40.20 21.17
N SER B 185 -11.33 40.94 20.37
CA SER B 185 -10.88 42.19 19.77
C SER B 185 -11.15 43.40 20.64
N SER B 186 -11.23 43.23 21.96
CA SER B 186 -11.48 44.36 22.85
C SER B 186 -10.41 45.44 22.70
N CYS B 187 -9.20 45.06 22.33
CA CYS B 187 -8.12 46.00 22.07
C CYS B 187 -8.07 46.46 20.63
N GLY B 188 -9.03 46.04 19.80
CA GLY B 188 -9.04 46.39 18.40
C GLY B 188 -8.42 45.34 17.53
N ASN B 189 -8.35 45.64 16.23
CA ASN B 189 -7.78 44.75 15.24
C ASN B 189 -6.28 45.02 15.14
N VAL B 190 -5.47 44.00 15.42
CA VAL B 190 -4.02 44.15 15.38
C VAL B 190 -3.39 43.45 14.18
N MET B 191 -4.20 42.80 13.33
CA MET B 191 -3.65 42.09 12.18
C MET B 191 -2.92 43.05 11.24
N ASP B 192 -3.52 44.19 10.96
CA ASP B 192 -2.88 45.17 10.08
C ASP B 192 -1.57 45.65 10.68
N ARG B 193 -1.55 45.96 11.98
CA ARG B 193 -0.34 46.45 12.61
C ARG B 193 0.77 45.42 12.57
N ILE B 194 0.45 44.16 12.90
CA ILE B 194 1.49 43.13 12.93
C ILE B 194 1.99 42.83 11.51
N LEU B 195 1.08 42.85 10.52
CA LEU B 195 1.51 42.62 9.15
C LEU B 195 2.43 43.74 8.65
N THR B 196 2.09 44.99 8.95
CA THR B 196 2.96 46.10 8.57
C THR B 196 4.30 46.04 9.27
N ALA B 197 4.31 45.66 10.56
CA ALA B 197 5.56 45.53 11.28
C ALA B 197 6.43 44.44 10.67
N TYR B 198 5.82 43.30 10.32
CA TYR B 198 6.59 42.22 9.71
C TYR B 198 7.10 42.61 8.33
N ARG B 199 6.30 43.37 7.57
CA ARG B 199 6.76 43.87 6.28
C ARG B 199 7.96 44.78 6.44
N LYS B 200 7.90 45.71 7.39
CA LYS B 200 8.99 46.65 7.60
C LYS B 200 10.20 46.00 8.24
N SER B 201 10.03 44.82 8.84
CA SER B 201 11.15 44.16 9.50
C SER B 201 11.77 43.04 8.68
N SER B 202 10.96 42.26 7.97
CA SER B 202 11.45 41.09 7.26
C SER B 202 12.00 41.46 5.88
N LYS B 203 12.68 40.50 5.27
CA LYS B 203 13.19 40.63 3.91
C LYS B 203 12.66 39.57 2.96
N GLN B 204 12.42 38.35 3.45
CA GLN B 204 11.76 37.30 2.68
C GLN B 204 10.26 37.27 2.95
N TRP B 205 9.67 38.42 3.26
CA TRP B 205 8.27 38.45 3.71
C TRP B 205 7.30 38.06 2.60
N SER B 206 7.72 38.16 1.34
CA SER B 206 6.78 37.91 0.24
C SER B 206 6.30 36.46 0.24
N ALA B 207 7.23 35.50 0.25
CA ALA B 207 6.85 34.10 0.23
C ALA B 207 6.11 33.71 1.49
N THR B 208 6.52 34.27 2.63
CA THR B 208 5.83 33.99 3.89
C THR B 208 4.39 34.45 3.84
N PHE B 209 4.13 35.63 3.27
CA PHE B 209 2.75 36.10 3.18
C PHE B 209 1.95 35.32 2.13
N ASN B 210 2.60 34.89 1.05
CA ASN B 210 1.89 34.01 0.11
C ASN B 210 1.44 32.73 0.80
N LYS B 211 2.34 32.08 1.54
CA LYS B 211 1.96 30.86 2.23
C LYS B 211 0.97 31.14 3.36
N LEU B 212 1.07 32.30 4.02
CA LEU B 212 0.12 32.67 5.04
C LEU B 212 -1.29 32.84 4.46
N ALA B 213 -1.38 33.47 3.29
CA ALA B 213 -2.67 33.60 2.62
C ALA B 213 -3.20 32.23 2.22
N GLN B 214 -2.33 31.35 1.74
CA GLN B 214 -2.76 30.00 1.38
C GLN B 214 -3.32 29.27 2.60
N VAL B 215 -2.63 29.37 3.74
CA VAL B 215 -3.11 28.74 4.97
C VAL B 215 -4.41 29.39 5.43
N ARG B 216 -4.55 30.70 5.22
CA ARG B 216 -5.77 31.39 5.60
C ARG B 216 -6.96 30.89 4.79
N GLN B 217 -6.80 30.75 3.48
CA GLN B 217 -7.85 30.17 2.67
C GLN B 217 -8.13 28.73 3.05
N ARG B 218 -7.09 27.97 3.42
CA ARG B 218 -7.32 26.61 3.88
C ARG B 218 -8.16 26.57 5.15
N GLY B 219 -7.88 27.48 6.08
CA GLY B 219 -8.55 27.43 7.38
C GLY B 219 -9.91 28.09 7.39
N ARG B 220 -10.16 29.00 6.45
CA ARG B 220 -11.46 29.67 6.40
C ARG B 220 -12.58 28.68 6.10
N LYS B 221 -12.34 27.74 5.19
CA LYS B 221 -13.34 26.74 4.84
C LYS B 221 -13.60 25.79 6.00
N LYS C 2 37.44 34.98 50.31
CA LYS C 2 36.04 35.12 50.72
C LYS C 2 35.31 33.78 50.60
N VAL C 3 34.44 33.50 51.56
CA VAL C 3 33.69 32.25 51.60
C VAL C 3 32.26 32.54 51.19
N PHE C 4 31.76 31.80 50.20
CA PHE C 4 30.41 31.96 49.69
C PHE C 4 29.69 30.63 49.76
N ASN C 5 28.43 30.65 50.19
CA ASN C 5 27.67 29.43 50.37
C ASN C 5 27.29 28.82 49.02
N LEU C 6 27.04 27.51 49.04
CA LEU C 6 26.58 26.74 47.90
C LEU C 6 25.34 25.95 48.32
N ASP C 7 24.91 25.03 47.45
CA ASP C 7 23.71 24.25 47.74
C ASP C 7 23.98 23.23 48.84
N ARG C 8 22.88 22.72 49.41
CA ARG C 8 22.86 21.73 50.48
C ARG C 8 23.84 22.06 51.62
N GLY C 9 24.04 23.36 51.87
CA GLY C 9 24.84 23.80 52.99
C GLY C 9 26.33 23.85 52.77
N ASN C 10 26.81 23.49 51.58
CA ASN C 10 28.23 23.56 51.31
C ASN C 10 28.66 24.99 51.03
N THR C 11 29.95 25.25 51.22
CA THR C 11 30.54 26.55 50.97
C THR C 11 31.81 26.39 50.15
N LEU C 12 32.27 27.50 49.59
CA LEU C 12 33.48 27.51 48.78
C LEU C 12 34.26 28.79 49.09
N SER C 13 35.57 28.65 49.25
CA SER C 13 36.45 29.77 49.55
C SER C 13 37.22 30.14 48.29
N VAL C 14 37.27 31.44 47.99
CA VAL C 14 37.82 31.99 46.76
C VAL C 14 38.93 32.97 47.11
N SER C 15 39.98 33.01 46.29
CA SER C 15 41.07 33.97 46.47
C SER C 15 41.69 34.28 45.14
N LEU C 16 41.63 35.54 44.73
CA LEU C 16 42.19 36.01 43.47
C LEU C 16 43.56 36.62 43.73
N PHE C 17 44.55 36.23 42.93
CA PHE C 17 45.90 36.75 43.07
C PHE C 17 46.41 37.23 41.72
N SER C 18 47.00 38.43 41.71
CA SER C 18 47.63 39.00 40.54
C SER C 18 49.13 39.07 40.76
N GLY C 19 49.87 39.03 39.65
CA GLY C 19 51.32 39.07 39.72
C GLY C 19 51.94 37.86 40.38
N VAL C 20 51.43 36.67 40.07
CA VAL C 20 51.99 35.44 40.64
C VAL C 20 53.39 35.23 40.08
N THR C 21 54.36 35.05 40.99
CA THR C 21 55.75 34.89 40.60
C THR C 21 56.18 33.43 40.48
N ASN C 22 55.48 32.51 41.14
CA ASN C 22 55.82 31.09 41.12
C ASN C 22 54.75 30.27 40.41
N SER C 23 54.22 30.80 39.29
CA SER C 23 53.20 30.09 38.54
C SER C 23 53.72 28.77 38.00
N LYS C 24 54.97 28.76 37.52
CA LYS C 24 55.57 27.51 37.05
C LYS C 24 55.68 26.51 38.18
N GLU C 25 56.06 26.97 39.38
CA GLU C 25 56.12 26.07 40.53
C GLU C 25 54.74 25.56 40.90
N LEU C 26 53.72 26.42 40.80
CA LEU C 26 52.35 25.97 41.06
C LEU C 26 51.93 24.89 40.07
N LEU C 27 52.24 25.07 38.78
CA LEU C 27 51.89 24.06 37.80
C LEU C 27 52.64 22.76 38.04
N ASN C 28 53.92 22.84 38.40
CA ASN C 28 54.68 21.63 38.69
C ASN C 28 54.12 20.91 39.90
N SER C 29 53.76 21.65 40.95
CA SER C 29 53.17 21.04 42.14
C SER C 29 51.81 20.41 41.83
N MET C 30 51.02 21.05 40.98
CA MET C 30 49.75 20.46 40.56
C MET C 30 49.99 19.17 39.78
N LEU C 31 51.02 19.14 38.94
CA LEU C 31 51.31 17.94 38.16
C LEU C 31 51.78 16.79 39.05
N ASP C 32 52.74 17.04 39.93
CA ASP C 32 53.28 15.98 40.77
C ASP C 32 52.48 15.74 42.05
N GLY C 33 51.54 16.63 42.37
CA GLY C 33 50.75 16.47 43.59
C GLY C 33 51.54 16.62 44.88
N SER C 34 52.54 17.51 44.89
CA SER C 34 53.32 17.71 46.11
C SER C 34 52.47 18.34 47.22
N LEU C 35 51.61 19.29 46.86
CA LEU C 35 50.77 19.96 47.85
C LEU C 35 49.74 19.00 48.40
N LYS C 36 49.60 18.97 49.73
CA LYS C 36 48.68 18.04 50.37
C LYS C 36 47.23 18.46 50.23
N LEU C 37 46.95 19.77 50.30
CA LEU C 37 45.59 20.27 50.26
C LEU C 37 45.06 20.26 48.84
N GLU C 38 43.77 19.96 48.70
CA GLU C 38 43.11 19.99 47.39
C GLU C 38 42.82 21.44 47.02
N VAL C 39 43.24 21.84 45.82
CA VAL C 39 43.03 23.20 45.34
C VAL C 39 43.05 23.18 43.82
N SER C 40 42.26 24.06 43.22
CA SER C 40 42.22 24.21 41.77
C SER C 40 42.69 25.61 41.40
N PHE C 41 43.50 25.70 40.35
CA PHE C 41 43.99 26.95 39.82
C PHE C 41 43.41 27.14 38.41
N LEU C 42 42.73 28.26 38.20
CA LEU C 42 42.11 28.57 36.92
C LEU C 42 42.68 29.86 36.36
N ASN C 43 42.69 29.95 35.04
CA ASN C 43 43.09 31.18 34.36
C ASN C 43 42.00 32.22 34.60
N ALA C 44 42.23 33.10 35.58
CA ALA C 44 41.17 34.00 36.03
C ALA C 44 40.77 35.04 35.00
N SER C 45 41.53 35.17 33.90
CA SER C 45 41.16 36.11 32.84
C SER C 45 39.88 35.68 32.12
N LEU C 46 39.51 34.40 32.18
CA LEU C 46 38.34 33.88 31.51
C LEU C 46 37.09 33.93 32.36
N ILE C 47 37.06 34.78 33.39
CA ILE C 47 35.93 34.84 34.32
C ILE C 47 35.36 36.25 34.38
N PRO C 48 34.10 36.44 33.98
CA PRO C 48 33.48 37.76 34.11
C PRO C 48 32.83 38.02 35.47
N ASP C 49 32.40 36.98 36.17
CA ASP C 49 31.67 37.16 37.41
C ASP C 49 31.84 35.93 38.30
N ILE C 50 31.48 36.09 39.57
CA ILE C 50 31.48 34.96 40.50
C ILE C 50 30.40 33.96 40.15
N PHE C 51 29.34 34.40 39.47
CA PHE C 51 28.21 33.53 39.17
C PHE C 51 28.57 32.31 38.33
N PRO C 52 29.34 32.42 37.23
CA PRO C 52 29.76 31.19 36.53
C PRO C 52 30.57 30.25 37.41
N LEU C 53 31.42 30.79 38.27
CA LEU C 53 32.17 29.94 39.18
C LEU C 53 31.25 29.23 40.16
N LEU C 54 30.21 29.92 40.64
CA LEU C 54 29.24 29.27 41.52
C LEU C 54 28.49 28.16 40.79
N ALA C 55 28.16 28.39 39.51
CA ALA C 55 27.50 27.34 38.73
C ALA C 55 28.42 26.13 38.56
N ALA C 56 29.69 26.37 38.25
CA ALA C 56 30.65 25.27 38.14
C ALA C 56 30.80 24.56 39.48
N ALA C 57 30.77 25.31 40.57
CA ALA C 57 30.85 24.72 41.91
C ALA C 57 29.65 23.82 42.17
N GLN C 58 28.46 24.24 41.76
CA GLN C 58 27.28 23.40 41.89
C GLN C 58 27.43 22.13 41.06
N LYS C 59 27.95 22.25 39.84
CA LYS C 59 28.17 21.08 39.00
C LYS C 59 29.15 20.10 39.68
N ALA C 60 30.25 20.61 40.21
CA ALA C 60 31.24 19.76 40.86
C ALA C 60 30.67 19.15 42.15
N LEU C 61 29.82 19.91 42.85
CA LEU C 61 29.20 19.38 44.06
C LEU C 61 28.25 18.22 43.73
N ILE C 62 27.48 18.37 42.65
CA ILE C 62 26.61 17.27 42.22
C ILE C 62 27.46 16.06 41.81
N SER C 63 28.56 16.32 41.10
CA SER C 63 29.42 15.22 40.67
C SER C 63 30.02 14.48 41.87
N LYS C 64 30.46 15.21 42.89
CA LYS C 64 31.05 14.58 44.06
C LYS C 64 30.01 13.87 44.90
N SER C 65 28.83 14.47 45.06
CA SER C 65 27.79 13.88 45.89
C SER C 65 27.35 12.53 45.34
N ARG C 66 27.19 12.41 44.03
CA ARG C 66 26.92 11.13 43.39
C ARG C 66 28.20 10.38 43.05
N ASP C 67 29.36 10.92 43.45
CA ASP C 67 30.66 10.28 43.23
C ASP C 67 30.91 10.02 41.76
N SER C 68 30.54 10.98 40.91
CA SER C 68 30.70 10.89 39.46
C SER C 68 31.83 11.80 38.99
N LEU C 69 32.90 11.91 39.78
CA LEU C 69 34.04 12.72 39.40
C LEU C 69 34.78 12.07 38.24
N SER C 70 34.58 12.60 37.03
CA SER C 70 35.22 12.02 35.85
C SER C 70 36.74 12.17 35.91
N THR C 71 37.23 13.21 36.57
CA THR C 71 38.66 13.45 36.67
C THR C 71 39.14 12.97 38.05
N ARG C 72 40.46 12.88 38.22
CA ARG C 72 41.03 12.24 39.40
C ARG C 72 40.68 12.99 40.69
N THR C 73 40.52 14.31 40.62
CA THR C 73 40.23 15.10 41.82
C THR C 73 39.03 16.01 41.57
N LEU C 74 38.35 16.36 42.67
CA LEU C 74 37.20 17.24 42.57
C LEU C 74 37.57 18.62 42.05
N HIS C 75 38.75 19.13 42.42
CA HIS C 75 39.18 20.43 41.93
C HIS C 75 39.52 20.38 40.44
N SER C 76 40.14 19.30 39.99
CA SER C 76 40.32 19.11 38.56
C SER C 76 38.98 18.94 37.85
N GLU C 77 38.02 18.29 38.52
CA GLU C 77 36.66 18.25 38.00
C GLU C 77 36.10 19.66 37.81
N LEU C 78 36.34 20.54 38.79
CA LEU C 78 35.88 21.92 38.68
C LEU C 78 36.52 22.64 37.50
N VAL C 79 37.85 22.52 37.37
CA VAL C 79 38.55 23.26 36.33
C VAL C 79 38.15 22.73 34.96
N TYR C 80 37.86 21.42 34.85
CA TYR C 80 37.33 20.89 33.61
C TYR C 80 35.90 21.38 33.37
N ASN C 81 35.12 21.52 34.43
CA ASN C 81 33.75 21.99 34.30
C ASN C 81 33.70 23.41 33.74
N TYR C 82 34.59 24.29 34.23
CA TYR C 82 34.54 25.67 33.77
C TYR C 82 34.92 25.80 32.30
N SER C 83 35.55 24.78 31.72
CA SER C 83 35.96 24.87 30.33
C SER C 83 34.77 24.75 29.38
N GLY C 84 33.80 23.92 29.71
CA GLY C 84 32.66 23.74 28.84
C GLY C 84 32.93 22.94 27.59
N SER C 85 33.94 22.07 27.60
CA SER C 85 34.28 21.24 26.46
C SER C 85 34.34 19.78 26.88
N LYS C 86 34.11 18.89 25.91
CA LYS C 86 34.14 17.45 26.16
C LYS C 86 35.54 16.86 26.07
N HIS C 87 36.55 17.66 25.74
CA HIS C 87 37.92 17.19 25.63
C HIS C 87 38.68 17.61 26.88
N ILE C 88 39.07 16.63 27.70
CA ILE C 88 39.67 16.93 29.00
C ILE C 88 41.04 17.60 28.82
N THR C 89 41.85 17.08 27.92
CA THR C 89 43.21 17.60 27.74
C THR C 89 43.18 19.04 27.25
N GLU C 90 42.40 19.31 26.21
CA GLU C 90 42.29 20.67 25.70
C GLU C 90 41.66 21.60 26.74
N SER C 91 40.69 21.09 27.50
CA SER C 91 40.09 21.88 28.56
C SER C 91 41.13 22.32 29.59
N LEU C 92 41.96 21.37 30.05
CA LEU C 92 43.00 21.71 31.02
C LEU C 92 44.03 22.65 30.42
N LYS C 93 44.37 22.45 29.14
CA LYS C 93 45.38 23.31 28.51
C LYS C 93 44.88 24.74 28.38
N ARG C 94 43.63 24.92 27.96
CA ARG C 94 43.14 26.28 27.70
C ARG C 94 42.57 26.94 28.95
N CYS C 95 41.51 26.36 29.51
CA CYS C 95 40.85 27.01 30.65
C CYS C 95 41.62 26.79 31.95
N GLY C 96 42.27 25.64 32.10
CA GLY C 96 43.18 25.47 33.21
C GLY C 96 44.42 26.33 33.03
N ILE C 97 45.16 26.48 34.14
CA ILE C 97 46.34 27.34 34.11
C ILE C 97 47.39 26.75 33.19
N SER C 98 47.97 27.60 32.36
CA SER C 98 49.14 27.29 31.56
C SER C 98 50.32 28.09 32.11
N GLU C 99 51.46 28.01 31.42
CA GLU C 99 52.64 28.73 31.86
C GLU C 99 52.53 30.24 31.70
N ASN C 100 51.50 30.73 31.01
CA ASN C 100 51.34 32.16 30.75
C ASN C 100 50.18 32.76 31.55
N THR C 101 49.89 32.23 32.72
CA THR C 101 48.79 32.73 33.56
C THR C 101 49.36 33.09 34.94
N THR C 102 49.61 34.37 35.16
CA THR C 102 50.01 34.89 36.46
C THR C 102 48.86 35.51 37.23
N TYR C 103 47.67 35.53 36.64
CA TYR C 103 46.46 36.10 37.24
C TYR C 103 45.57 34.90 37.59
N ILE C 104 45.73 34.39 38.81
CA ILE C 104 45.29 33.05 39.16
C ILE C 104 44.24 33.10 40.26
N LEU C 105 43.22 32.25 40.12
CA LEU C 105 42.18 32.07 41.12
C LEU C 105 42.42 30.76 41.86
N ALA C 106 42.48 30.82 43.19
CA ALA C 106 42.64 29.65 44.03
C ALA C 106 41.40 29.48 44.89
N ALA C 107 40.81 28.28 44.85
CA ALA C 107 39.55 28.03 45.53
C ALA C 107 39.58 26.66 46.21
N ARG C 108 38.70 26.50 47.18
CA ARG C 108 38.57 25.22 47.88
C ARG C 108 37.13 25.03 48.35
N PHE C 109 36.76 23.77 48.58
CA PHE C 109 35.40 23.44 48.99
C PHE C 109 35.29 23.40 50.50
N ASN C 110 34.41 24.23 51.05
CA ASN C 110 34.15 24.28 52.50
C ASN C 110 35.44 24.48 53.28
N ALA C 111 36.29 25.36 52.78
CA ALA C 111 37.61 25.56 53.36
C ALA C 111 37.54 26.36 54.66
N SER C 112 38.36 25.95 55.62
CA SER C 112 38.52 26.70 56.85
C SER C 112 39.38 27.93 56.61
N PRO C 113 39.26 28.96 57.45
CA PRO C 113 40.11 30.15 57.28
C PRO C 113 41.59 29.85 57.36
N VAL C 114 42.00 28.88 58.17
CA VAL C 114 43.41 28.53 58.29
C VAL C 114 43.95 28.01 56.97
N GLU C 115 43.16 27.20 56.27
CA GLU C 115 43.59 26.67 54.97
C GLU C 115 43.82 27.80 53.98
N MET C 116 42.90 28.77 53.92
CA MET C 116 43.09 29.90 53.02
C MET C 116 44.28 30.76 53.42
N GLU C 117 44.50 30.95 54.72
CA GLU C 117 45.65 31.71 55.16
C GLU C 117 46.96 31.03 54.76
N GLU C 118 47.04 29.71 54.93
CA GLU C 118 48.27 29.00 54.57
C GLU C 118 48.44 28.95 53.06
N VAL C 119 47.34 28.88 52.30
CA VAL C 119 47.44 28.96 50.84
C VAL C 119 47.97 30.34 50.43
N ALA C 120 47.47 31.40 51.07
CA ALA C 120 47.98 32.74 50.80
C ALA C 120 49.47 32.85 51.14
N LYS C 121 49.89 32.19 52.22
CA LYS C 121 51.31 32.14 52.53
C LYS C 121 52.08 31.39 51.45
N LEU C 122 51.49 30.35 50.86
CA LEU C 122 52.18 29.57 49.84
C LEU C 122 52.35 30.32 48.53
N ILE C 123 51.56 31.36 48.28
CA ILE C 123 51.56 32.08 47.01
C ILE C 123 52.25 33.42 47.20
N ASN C 124 53.11 33.78 46.26
CA ASN C 124 53.77 35.09 46.25
C ASN C 124 53.08 35.96 45.21
N GLY C 125 51.98 36.59 45.63
CA GLY C 125 51.20 37.42 44.74
C GLY C 125 50.40 38.44 45.53
N LYS C 126 49.69 39.29 44.80
CA LYS C 126 48.89 40.34 45.39
C LYS C 126 47.42 39.93 45.39
N GLU C 127 46.81 39.89 46.57
CA GLU C 127 45.42 39.49 46.69
C GLU C 127 44.50 40.60 46.20
N ILE C 128 43.51 40.23 45.39
CA ILE C 128 42.58 41.18 44.81
C ILE C 128 41.16 40.71 45.13
N ASP C 129 40.23 41.67 45.20
CA ASP C 129 38.85 41.35 45.48
C ASP C 129 38.20 40.65 44.28
N LEU C 130 36.91 40.33 44.42
CA LEU C 130 36.16 39.63 43.39
C LEU C 130 35.22 40.56 42.64
N GLU C 131 35.63 41.81 42.44
CA GLU C 131 34.85 42.79 41.71
C GLU C 131 35.58 43.39 40.51
N GLU C 132 36.85 43.07 40.31
CA GLU C 132 37.60 43.60 39.18
C GLU C 132 37.46 42.76 37.92
N LEU C 133 36.71 41.66 37.97
CA LEU C 133 36.61 40.75 36.83
C LEU C 133 36.12 41.48 35.58
N LYS C 134 35.06 42.28 35.72
CA LYS C 134 34.58 43.07 34.59
C LYS C 134 35.67 43.96 34.02
N THR C 135 36.51 44.54 34.88
CA THR C 135 37.62 45.36 34.40
C THR C 135 38.69 44.49 33.74
N HIS C 136 38.87 43.26 34.21
CA HIS C 136 39.92 42.38 33.74
C HIS C 136 39.41 41.25 32.86
N ALA C 137 38.14 41.28 32.46
CA ALA C 137 37.61 40.26 31.58
C ALA C 137 38.18 40.42 30.18
N ASN C 138 38.70 39.34 29.61
CA ASN C 138 39.24 39.35 28.26
C ASN C 138 38.11 38.96 27.32
N GLN C 139 37.26 39.95 26.99
CA GLN C 139 36.03 39.67 26.26
C GLN C 139 36.31 39.14 24.86
N ALA C 140 37.42 39.57 24.24
CA ALA C 140 37.72 39.17 22.87
C ALA C 140 37.89 37.65 22.78
N ASN C 141 38.75 37.08 23.62
CA ASN C 141 38.94 35.64 23.59
C ASN C 141 37.71 34.91 24.10
N ILE C 142 36.89 35.55 24.94
CA ILE C 142 35.63 34.95 25.35
C ILE C 142 34.72 34.76 24.13
N LEU C 143 34.59 35.81 23.31
CA LEU C 143 33.79 35.69 22.09
C LEU C 143 34.42 34.67 21.15
N LYS C 144 35.74 34.64 21.06
CA LYS C 144 36.41 33.71 20.15
C LYS C 144 36.15 32.25 20.56
N HIS C 145 36.38 31.93 21.83
CA HIS C 145 36.25 30.54 22.26
C HIS C 145 34.81 30.10 22.38
N TYR C 146 33.95 30.96 22.94
CA TYR C 146 32.56 30.60 23.17
C TYR C 146 31.64 30.95 22.02
N LYS C 147 32.18 31.52 20.93
CA LYS C 147 31.41 31.79 19.72
C LYS C 147 30.19 32.65 20.02
N ILE C 148 30.37 33.65 20.87
CA ILE C 148 29.26 34.52 21.26
C ILE C 148 28.97 35.49 20.13
N THR C 149 27.74 35.48 19.64
CA THR C 149 27.33 36.33 18.54
C THR C 149 27.13 37.77 19.01
N SER C 150 27.25 38.70 18.06
CA SER C 150 26.97 40.09 18.35
C SER C 150 25.50 40.29 18.74
N GLN C 151 24.60 39.52 18.13
CA GLN C 151 23.20 39.56 18.53
C GLN C 151 23.02 39.11 19.98
N GLU C 152 23.79 38.10 20.39
CA GLU C 152 23.76 37.67 21.79
C GLU C 152 24.20 38.80 22.72
N LEU C 153 25.27 39.52 22.34
CA LEU C 153 25.77 40.60 23.18
C LEU C 153 24.76 41.74 23.29
N GLY C 154 23.97 41.95 22.26
CA GLY C 154 23.00 43.05 22.28
C GLY C 154 21.74 42.77 23.05
N ILE C 155 21.57 41.56 23.58
CA ILE C 155 20.36 41.20 24.31
C ILE C 155 20.71 40.66 25.68
N SER C 156 22.00 40.43 25.92
CA SER C 156 22.44 39.85 27.18
C SER C 156 23.92 40.12 27.38
N SER C 157 24.40 39.87 28.59
CA SER C 157 25.79 40.08 28.95
C SER C 157 26.62 38.84 28.67
N LEU C 158 27.95 39.03 28.71
CA LEU C 158 28.86 37.93 28.44
C LEU C 158 28.73 36.81 29.47
N GLY C 159 28.59 37.18 30.75
CA GLY C 159 28.50 36.17 31.79
C GLY C 159 27.31 35.26 31.61
N ASP C 160 26.17 35.80 31.17
CA ASP C 160 25.00 34.97 30.96
C ASP C 160 25.24 33.95 29.85
N ALA C 161 25.86 34.37 28.75
CA ALA C 161 26.18 33.44 27.68
C ALA C 161 27.15 32.36 28.14
N ILE C 162 28.17 32.76 28.92
CA ILE C 162 29.12 31.78 29.43
C ILE C 162 28.42 30.77 30.32
N VAL C 163 27.52 31.24 31.19
CA VAL C 163 26.79 30.36 32.08
C VAL C 163 25.90 29.41 31.27
N CYS C 164 25.24 29.93 30.24
CA CYS C 164 24.39 29.09 29.40
C CYS C 164 25.20 27.99 28.72
N ARG C 165 26.37 28.34 28.18
CA ARG C 165 27.21 27.34 27.54
C ARG C 165 27.72 26.31 28.53
N ILE C 166 28.10 26.75 29.73
CA ILE C 166 28.56 25.81 30.76
C ILE C 166 27.44 24.82 31.10
N ALA C 167 26.22 25.33 31.23
CA ALA C 167 25.08 24.45 31.47
C ALA C 167 24.85 23.49 30.32
N ALA C 168 24.90 23.99 29.09
CA ALA C 168 24.48 23.22 27.92
C ALA C 168 25.60 22.42 27.28
N ARG C 169 26.79 22.38 27.88
CA ARG C 169 27.85 21.53 27.37
C ARG C 169 27.36 20.11 27.11
N ASP C 170 26.68 19.51 28.10
CA ASP C 170 26.23 18.14 27.97
C ASP C 170 25.08 17.98 26.98
N ALA C 171 24.50 19.08 26.51
CA ALA C 171 23.40 19.02 25.54
C ALA C 171 23.88 18.80 24.12
N LEU C 172 25.19 18.81 23.88
CA LEU C 172 25.73 18.60 22.54
C LEU C 172 26.14 17.15 22.33
N ASP D 16 -14.34 7.79 -32.92
CA ASP D 16 -14.20 6.64 -33.79
C ASP D 16 -15.21 5.55 -33.45
N PHE D 17 -14.85 4.74 -32.46
CA PHE D 17 -15.60 3.54 -32.14
C PHE D 17 -16.86 3.90 -31.37
N SER D 18 -17.92 3.13 -31.56
CA SER D 18 -19.20 3.48 -30.95
C SER D 18 -20.23 2.39 -31.17
N CYS D 19 -21.30 2.43 -30.36
CA CYS D 19 -22.58 1.88 -30.81
C CYS D 19 -23.69 2.27 -29.84
N ASN D 20 -24.89 1.77 -30.14
CA ASN D 20 -26.08 1.98 -29.33
C ASN D 20 -26.52 0.63 -28.77
N LEU D 21 -26.98 0.63 -27.52
CA LEU D 21 -27.51 -0.56 -26.87
C LEU D 21 -28.94 -0.30 -26.43
N ASP D 22 -29.77 -1.34 -26.47
CA ASP D 22 -31.16 -1.25 -26.09
C ASP D 22 -31.45 -2.22 -24.95
N VAL D 23 -32.38 -1.83 -24.07
CA VAL D 23 -32.92 -2.73 -23.06
C VAL D 23 -34.41 -2.44 -22.96
N SER D 24 -35.21 -3.51 -22.86
CA SER D 24 -36.66 -3.42 -22.80
C SER D 24 -37.11 -3.59 -21.36
N PHE D 25 -37.82 -2.60 -20.84
CA PHE D 25 -38.28 -2.61 -19.47
C PHE D 25 -39.78 -2.90 -19.41
N GLU D 26 -40.27 -3.13 -18.19
CA GLU D 26 -41.69 -3.43 -18.00
C GLU D 26 -42.57 -2.27 -18.43
N SER D 27 -42.17 -1.05 -18.10
CA SER D 27 -42.97 0.13 -18.41
C SER D 27 -42.04 1.29 -18.74
N GLU D 28 -42.64 2.46 -18.97
CA GLU D 28 -41.86 3.68 -19.18
C GLU D 28 -41.04 4.03 -17.96
N GLU D 29 -41.62 3.82 -16.76
CA GLU D 29 -41.00 4.30 -15.53
C GLU D 29 -39.63 3.69 -15.31
N HIS D 30 -39.48 2.39 -15.54
CA HIS D 30 -38.19 1.74 -15.30
C HIS D 30 -37.14 2.20 -16.30
N ALA D 31 -37.53 2.39 -17.56
CA ALA D 31 -36.60 2.92 -18.54
C ALA D 31 -36.12 4.31 -18.15
N LEU D 32 -37.05 5.17 -17.71
CA LEU D 32 -36.65 6.51 -17.29
C LEU D 32 -35.79 6.48 -16.03
N ILE D 33 -36.08 5.58 -15.10
CA ILE D 33 -35.28 5.47 -13.88
C ILE D 33 -33.86 5.06 -14.22
N ALA D 34 -33.70 4.06 -15.10
CA ALA D 34 -32.35 3.67 -15.51
C ALA D 34 -31.65 4.81 -16.23
N TYR D 35 -32.38 5.49 -17.12
CA TYR D 35 -31.81 6.62 -17.86
C TYR D 35 -31.27 7.68 -16.91
N THR D 36 -32.10 8.11 -15.95
CA THR D 36 -31.69 9.16 -15.03
C THR D 36 -30.61 8.70 -14.05
N SER D 37 -30.70 7.47 -13.55
CA SER D 37 -29.71 6.96 -12.60
C SER D 37 -28.34 6.86 -13.23
N LEU D 38 -28.25 6.34 -14.46
CA LEU D 38 -26.95 6.27 -15.11
C LEU D 38 -26.55 7.61 -15.73
N ALA D 39 -27.51 8.53 -15.88
CA ALA D 39 -27.21 9.84 -16.45
C ALA D 39 -26.33 10.66 -15.52
N VAL D 40 -26.72 10.77 -14.25
CA VAL D 40 -25.98 11.57 -13.28
C VAL D 40 -24.55 11.07 -13.10
N ASP D 41 -24.27 9.84 -13.50
CA ASP D 41 -22.91 9.30 -13.40
C ASP D 41 -21.99 10.10 -14.30
N LYS D 42 -21.13 10.91 -13.69
CA LYS D 42 -20.16 11.69 -14.45
C LYS D 42 -19.19 10.76 -15.18
N GLU D 43 -18.48 11.32 -16.15
CA GLU D 43 -17.47 10.61 -16.89
C GLU D 43 -16.10 11.00 -16.36
N LEU D 44 -15.27 9.99 -16.06
CA LEU D 44 -13.94 10.27 -15.53
C LEU D 44 -13.07 11.00 -16.56
N GLN D 45 -13.15 10.60 -17.82
CA GLN D 45 -12.31 11.16 -18.88
C GLN D 45 -13.17 11.61 -20.05
N PRO D 46 -13.78 12.80 -19.97
CA PRO D 46 -14.56 13.29 -21.11
C PRO D 46 -13.73 13.47 -22.36
N ASP D 47 -12.42 13.70 -22.24
CA ASP D 47 -11.59 13.96 -23.41
C ASP D 47 -11.28 12.70 -24.20
N LYS D 48 -11.49 11.51 -23.63
CA LYS D 48 -11.21 10.26 -24.32
C LYS D 48 -12.43 9.44 -24.65
N VAL D 49 -13.54 9.61 -23.93
CA VAL D 49 -14.78 8.90 -24.20
C VAL D 49 -15.93 9.88 -24.07
N ARG D 50 -17.08 9.52 -24.65
CA ARG D 50 -18.27 10.35 -24.58
C ARG D 50 -19.50 9.44 -24.65
N ARG D 51 -20.56 9.81 -23.95
CA ARG D 51 -21.79 9.05 -23.96
C ARG D 51 -22.98 9.99 -24.14
N VAL D 52 -23.94 9.56 -24.96
CA VAL D 52 -25.23 10.21 -25.09
C VAL D 52 -26.27 9.10 -25.13
N MET D 53 -27.54 9.47 -25.06
CA MET D 53 -28.54 8.41 -25.01
C MET D 53 -29.92 8.96 -25.34
N SER D 54 -30.82 8.04 -25.65
CA SER D 54 -32.22 8.32 -25.91
C SER D 54 -33.07 7.26 -25.23
N VAL D 55 -34.33 7.60 -24.97
CA VAL D 55 -35.31 6.65 -24.46
C VAL D 55 -36.51 6.67 -25.40
N SER D 56 -37.00 5.48 -25.75
CA SER D 56 -38.12 5.36 -26.67
C SER D 56 -38.99 4.21 -26.18
N ASN D 57 -40.16 4.54 -25.64
CA ASN D 57 -41.08 3.57 -25.04
C ASN D 57 -40.32 2.89 -23.90
N ASN D 58 -40.28 1.56 -23.83
CA ASN D 58 -39.52 0.85 -22.82
C ASN D 58 -38.10 0.53 -23.27
N LYS D 59 -37.69 1.02 -24.42
CA LYS D 59 -36.38 0.74 -24.99
C LYS D 59 -35.42 1.86 -24.64
N LEU D 60 -34.37 1.52 -23.89
CA LEU D 60 -33.35 2.47 -23.49
C LEU D 60 -32.15 2.35 -24.42
N SER D 61 -31.99 3.32 -25.32
CA SER D 61 -30.90 3.31 -26.29
C SER D 61 -29.77 4.18 -25.74
N VAL D 62 -28.56 3.64 -25.75
CA VAL D 62 -27.40 4.34 -25.21
C VAL D 62 -26.31 4.39 -26.28
N HIS D 63 -26.11 5.57 -26.85
CA HIS D 63 -25.10 5.78 -27.88
C HIS D 63 -23.78 6.16 -27.21
N PHE D 64 -22.87 5.22 -27.11
CA PHE D 64 -21.55 5.48 -26.53
C PHE D 64 -20.51 5.53 -27.63
N GLU D 65 -19.63 6.53 -27.57
CA GLU D 65 -18.57 6.74 -28.53
C GLU D 65 -17.25 6.92 -27.80
N ALA D 66 -16.28 6.07 -28.10
CA ALA D 66 -14.95 6.18 -27.54
C ALA D 66 -13.92 6.25 -28.67
N ILE D 67 -12.72 6.68 -28.29
CA ILE D 67 -11.64 6.91 -29.26
C ILE D 67 -10.90 5.62 -29.58
N GLU D 68 -10.59 4.80 -28.58
CA GLU D 68 -9.73 3.64 -28.75
C GLU D 68 -10.46 2.36 -28.40
N ALA D 69 -9.95 1.24 -28.93
CA ALA D 69 -10.64 -0.04 -28.79
C ALA D 69 -10.63 -0.54 -27.36
N ARG D 70 -9.47 -0.49 -26.70
CA ARG D 70 -9.39 -1.02 -25.34
C ARG D 70 -10.26 -0.21 -24.38
N LEU D 71 -10.21 1.12 -24.49
CA LEU D 71 -11.07 1.97 -23.67
C LEU D 71 -12.54 1.69 -23.98
N LEU D 72 -12.87 1.52 -25.27
CA LEU D 72 -14.24 1.19 -25.64
C LEU D 72 -14.70 -0.10 -24.97
N ARG D 73 -13.85 -1.13 -25.02
CA ARG D 73 -14.22 -2.43 -24.47
C ARG D 73 -14.39 -2.35 -22.95
N ALA D 74 -13.47 -1.64 -22.28
CA ALA D 74 -13.60 -1.47 -20.83
C ALA D 74 -14.87 -0.71 -20.48
N SER D 75 -15.17 0.34 -21.24
CA SER D 75 -16.37 1.12 -20.97
C SER D 75 -17.63 0.29 -21.16
N PHE D 76 -17.71 -0.50 -22.23
CA PHE D 76 -18.89 -1.33 -22.42
C PHE D 76 -18.96 -2.44 -21.38
N SER D 77 -17.82 -2.98 -20.95
CA SER D 77 -17.83 -3.98 -19.89
C SER D 77 -18.45 -3.39 -18.62
N ALA D 78 -17.93 -2.24 -18.19
CA ALA D 78 -18.50 -1.59 -17.01
C ALA D 78 -19.95 -1.21 -17.22
N PHE D 79 -20.32 -0.82 -18.43
CA PHE D 79 -21.69 -0.41 -18.70
C PHE D 79 -22.65 -1.59 -18.60
N VAL D 80 -22.27 -2.74 -19.14
CA VAL D 80 -23.09 -3.93 -19.02
C VAL D 80 -23.17 -4.38 -17.56
N ASP D 81 -22.06 -4.25 -16.83
CA ASP D 81 -22.09 -4.58 -15.41
C ASP D 81 -23.10 -3.72 -14.66
N VAL D 82 -23.04 -2.39 -14.84
CA VAL D 82 -23.94 -1.51 -14.12
C VAL D 82 -25.38 -1.68 -14.60
N LEU D 83 -25.57 -2.03 -15.87
CA LEU D 83 -26.90 -2.39 -16.34
C LEU D 83 -27.41 -3.61 -15.61
N THR D 84 -26.54 -4.60 -15.39
CA THR D 84 -26.94 -5.80 -14.66
C THR D 84 -27.31 -5.45 -13.21
N LEU D 85 -26.53 -4.56 -12.58
CA LEU D 85 -26.90 -4.06 -11.26
C LEU D 85 -28.29 -3.44 -11.27
N ALA D 86 -28.54 -2.55 -12.23
CA ALA D 86 -29.82 -1.87 -12.29
C ALA D 86 -30.96 -2.87 -12.49
N THR D 87 -30.77 -3.83 -13.39
CA THR D 87 -31.81 -4.82 -13.65
C THR D 87 -32.08 -5.66 -12.41
N ARG D 88 -31.04 -6.10 -11.71
CA ARG D 88 -31.26 -6.88 -10.50
C ARG D 88 -32.00 -6.07 -9.45
N THR D 89 -31.60 -4.80 -9.27
CA THR D 89 -32.26 -3.96 -8.27
C THR D 89 -33.73 -3.77 -8.61
N ILE D 90 -34.04 -3.47 -9.87
CA ILE D 90 -35.43 -3.28 -10.26
C ILE D 90 -36.23 -4.56 -10.11
N GLN D 91 -35.67 -5.70 -10.52
CA GLN D 91 -36.38 -6.96 -10.38
C GLN D 91 -36.62 -7.30 -8.92
N GLU D 92 -35.70 -6.91 -8.04
CA GLU D 92 -35.91 -7.13 -6.61
C GLU D 92 -36.95 -6.18 -6.05
N PHE D 93 -37.06 -4.97 -6.58
CA PHE D 93 -37.98 -3.95 -6.09
C PHE D 93 -38.88 -3.44 -7.22
N GLY D 94 -39.48 -4.37 -7.96
CA GLY D 94 -40.38 -4.02 -9.04
C GLY D 94 -41.69 -3.42 -8.56
N ASP E 16 -33.43 -8.91 -27.47
CA ASP E 16 -33.51 -8.23 -26.19
C ASP E 16 -32.43 -7.15 -26.09
N PHE E 17 -31.18 -7.55 -26.31
CA PHE E 17 -30.04 -6.66 -26.24
C PHE E 17 -29.38 -6.57 -27.61
N SER E 18 -28.79 -5.42 -27.91
CA SER E 18 -28.21 -5.24 -29.25
C SER E 18 -27.14 -4.16 -29.23
N CYS E 19 -26.30 -4.21 -30.26
CA CYS E 19 -25.27 -3.20 -30.52
C CYS E 19 -24.92 -3.18 -32.00
N ASN E 20 -24.54 -1.99 -32.47
CA ASN E 20 -24.26 -1.76 -33.89
C ASN E 20 -22.94 -0.99 -34.02
N LEU E 21 -21.84 -1.72 -34.10
CA LEU E 21 -20.52 -1.12 -34.30
C LEU E 21 -20.48 -0.47 -35.67
N ASP E 22 -19.97 0.76 -35.72
CA ASP E 22 -19.59 1.42 -36.95
C ASP E 22 -18.15 1.86 -36.78
N VAL E 23 -17.26 1.34 -37.63
CA VAL E 23 -15.83 1.40 -37.38
C VAL E 23 -15.16 2.20 -38.48
N SER E 24 -14.16 3.00 -38.10
CA SER E 24 -13.41 3.83 -39.02
C SER E 24 -12.31 3.02 -39.68
N PHE E 25 -12.11 3.25 -40.98
CA PHE E 25 -11.08 2.56 -41.74
C PHE E 25 -10.59 3.46 -42.86
N GLU E 26 -9.30 3.32 -43.19
CA GLU E 26 -8.69 4.16 -44.21
C GLU E 26 -9.34 3.95 -45.58
N SER E 27 -9.23 2.73 -46.12
CA SER E 27 -9.67 2.44 -47.47
C SER E 27 -10.84 1.46 -47.43
N GLU E 28 -11.57 1.43 -48.55
CA GLU E 28 -12.74 0.55 -48.65
C GLU E 28 -12.33 -0.91 -48.57
N GLU E 29 -11.20 -1.25 -49.19
CA GLU E 29 -10.77 -2.65 -49.23
C GLU E 29 -10.48 -3.18 -47.84
N HIS E 30 -10.12 -2.30 -46.89
CA HIS E 30 -9.94 -2.76 -45.52
C HIS E 30 -11.27 -3.20 -44.90
N ALA E 31 -12.33 -2.42 -45.13
CA ALA E 31 -13.65 -2.83 -44.67
C ALA E 31 -14.08 -4.13 -45.34
N LEU E 32 -13.83 -4.26 -46.64
CA LEU E 32 -14.19 -5.49 -47.33
C LEU E 32 -13.38 -6.68 -46.84
N ILE E 33 -12.11 -6.45 -46.46
CA ILE E 33 -11.28 -7.51 -45.90
C ILE E 33 -11.85 -7.97 -44.57
N ALA E 34 -12.24 -7.01 -43.72
CA ALA E 34 -12.85 -7.38 -42.44
C ALA E 34 -14.14 -8.16 -42.66
N TYR E 35 -14.94 -7.74 -43.65
CA TYR E 35 -16.16 -8.47 -43.99
C TYR E 35 -15.86 -9.90 -44.39
N THR E 36 -15.08 -10.07 -45.46
CA THR E 36 -14.84 -11.41 -46.00
C THR E 36 -14.03 -12.27 -45.03
N SER E 37 -13.40 -11.67 -44.02
CA SER E 37 -12.71 -12.47 -43.02
C SER E 37 -13.66 -12.93 -41.93
N LEU E 38 -14.26 -11.99 -41.20
CA LEU E 38 -15.04 -12.36 -40.03
C LEU E 38 -16.45 -12.84 -40.38
N ALA E 39 -17.11 -12.20 -41.34
CA ALA E 39 -18.50 -12.51 -41.63
C ALA E 39 -18.66 -13.95 -42.13
N VAL E 40 -17.76 -14.40 -43.00
CA VAL E 40 -17.87 -15.75 -43.54
C VAL E 40 -17.73 -16.80 -42.45
N ASP E 41 -17.09 -16.47 -41.34
CA ASP E 41 -17.02 -17.40 -40.22
C ASP E 41 -18.40 -17.54 -39.59
N LYS E 42 -18.72 -18.77 -39.16
CA LYS E 42 -20.02 -19.05 -38.57
C LYS E 42 -19.91 -18.96 -37.06
N GLU E 43 -20.79 -18.19 -36.44
CA GLU E 43 -20.72 -17.91 -35.01
C GLU E 43 -21.17 -19.12 -34.19
N LEU E 44 -21.09 -18.98 -32.87
CA LEU E 44 -21.18 -20.15 -31.99
C LEU E 44 -22.56 -20.78 -32.03
N GLN E 45 -23.62 -19.99 -31.85
CA GLN E 45 -24.94 -20.60 -31.75
C GLN E 45 -26.04 -19.63 -32.16
N PRO E 46 -26.75 -19.90 -33.25
CA PRO E 46 -27.83 -18.99 -33.67
C PRO E 46 -29.07 -19.04 -32.78
N ASP E 47 -29.19 -20.02 -31.89
CA ASP E 47 -30.41 -20.18 -31.11
C ASP E 47 -30.65 -18.98 -30.20
N LYS E 48 -29.62 -18.52 -29.49
CA LYS E 48 -29.76 -17.44 -28.54
C LYS E 48 -29.32 -16.07 -29.06
N VAL E 49 -28.50 -16.03 -30.11
CA VAL E 49 -27.99 -14.77 -30.63
C VAL E 49 -28.16 -14.73 -32.14
N ARG E 50 -28.15 -13.52 -32.67
CA ARG E 50 -28.20 -13.27 -34.10
C ARG E 50 -27.15 -12.23 -34.44
N ARG E 51 -26.49 -12.39 -35.59
CA ARG E 51 -25.42 -11.49 -36.01
C ARG E 51 -25.61 -11.17 -37.48
N VAL E 52 -25.51 -9.88 -37.82
CA VAL E 52 -25.52 -9.44 -39.21
C VAL E 52 -24.42 -8.41 -39.36
N MET E 53 -23.79 -8.36 -40.53
CA MET E 53 -22.71 -7.42 -40.78
C MET E 53 -22.75 -6.97 -42.23
N SER E 54 -22.50 -5.68 -42.45
CA SER E 54 -22.52 -5.12 -43.80
C SER E 54 -21.41 -4.07 -43.92
N VAL E 55 -21.08 -3.74 -45.16
CA VAL E 55 -20.01 -2.79 -45.47
C VAL E 55 -20.56 -1.71 -46.38
N SER E 56 -20.27 -0.45 -46.04
CA SER E 56 -20.64 0.68 -46.90
C SER E 56 -19.44 1.61 -46.96
N ASN E 57 -18.92 1.82 -48.16
CA ASN E 57 -17.71 2.64 -48.38
C ASN E 57 -16.59 1.95 -47.59
N ASN E 58 -15.84 2.68 -46.76
CA ASN E 58 -14.86 2.07 -45.87
C ASN E 58 -15.36 2.00 -44.44
N LYS E 59 -16.66 1.85 -44.24
CA LYS E 59 -17.28 1.85 -42.93
C LYS E 59 -18.04 0.54 -42.72
N LEU E 60 -17.78 -0.12 -41.60
CA LEU E 60 -18.47 -1.33 -41.22
C LEU E 60 -19.78 -0.97 -40.55
N SER E 61 -20.75 -1.89 -40.61
CA SER E 61 -21.99 -1.80 -39.85
C SER E 61 -22.30 -3.19 -39.32
N VAL E 62 -21.95 -3.43 -38.06
CA VAL E 62 -21.97 -4.77 -37.50
C VAL E 62 -22.96 -4.81 -36.34
N HIS E 63 -24.04 -5.56 -36.50
CA HIS E 63 -25.12 -5.60 -35.54
C HIS E 63 -25.15 -6.96 -34.86
N PHE E 64 -25.11 -6.94 -33.53
CA PHE E 64 -25.32 -8.11 -32.69
C PHE E 64 -26.63 -7.95 -31.94
N GLU E 65 -27.42 -9.03 -31.92
CA GLU E 65 -28.62 -9.14 -31.11
C GLU E 65 -28.52 -10.39 -30.27
N ALA E 66 -28.94 -10.29 -29.00
CA ALA E 66 -28.79 -11.42 -28.09
C ALA E 66 -29.92 -11.40 -27.07
N ILE E 67 -30.23 -12.60 -26.57
CA ILE E 67 -31.16 -12.74 -25.45
C ILE E 67 -30.53 -12.25 -24.16
N GLU E 68 -29.26 -12.56 -23.93
CA GLU E 68 -28.63 -12.30 -22.65
C GLU E 68 -27.40 -11.40 -22.81
N ALA E 69 -27.28 -10.45 -21.87
CA ALA E 69 -26.21 -9.46 -21.93
C ALA E 69 -24.84 -10.10 -21.73
N ARG E 70 -24.73 -11.13 -20.90
CA ARG E 70 -23.43 -11.76 -20.70
C ARG E 70 -22.95 -12.47 -21.96
N LEU E 71 -23.85 -13.17 -22.65
CA LEU E 71 -23.48 -13.77 -23.94
C LEU E 71 -23.11 -12.70 -24.95
N LEU E 72 -23.88 -11.62 -25.00
CA LEU E 72 -23.53 -10.52 -25.91
C LEU E 72 -22.17 -9.94 -25.57
N ARG E 73 -21.84 -9.85 -24.28
CA ARG E 73 -20.56 -9.27 -23.86
C ARG E 73 -19.40 -10.20 -24.22
N ALA E 74 -19.61 -11.51 -24.09
CA ALA E 74 -18.61 -12.46 -24.55
C ALA E 74 -18.37 -12.31 -26.05
N SER E 75 -19.45 -12.15 -26.81
CA SER E 75 -19.32 -11.87 -28.24
C SER E 75 -18.58 -10.57 -28.48
N PHE E 76 -18.85 -9.54 -27.66
CA PHE E 76 -18.14 -8.27 -27.79
C PHE E 76 -16.64 -8.46 -27.60
N SER E 77 -16.27 -9.21 -26.56
CA SER E 77 -14.86 -9.46 -26.31
C SER E 77 -14.21 -10.16 -27.50
N ALA E 78 -14.84 -11.23 -27.98
CA ALA E 78 -14.30 -11.96 -29.12
C ALA E 78 -14.18 -11.06 -30.34
N PHE E 79 -15.21 -10.27 -30.61
CA PHE E 79 -15.22 -9.46 -31.83
C PHE E 79 -14.18 -8.34 -31.77
N VAL E 80 -14.09 -7.64 -30.64
CA VAL E 80 -13.09 -6.60 -30.50
C VAL E 80 -11.69 -7.19 -30.62
N ASP E 81 -11.46 -8.34 -29.98
CA ASP E 81 -10.14 -8.96 -30.03
C ASP E 81 -9.78 -9.36 -31.46
N VAL E 82 -10.71 -9.98 -32.19
CA VAL E 82 -10.40 -10.42 -33.54
C VAL E 82 -10.26 -9.24 -34.49
N LEU E 83 -11.01 -8.16 -34.25
CA LEU E 83 -10.84 -6.98 -35.09
C LEU E 83 -9.48 -6.33 -34.86
N THR E 84 -9.05 -6.25 -33.60
CA THR E 84 -7.71 -5.74 -33.33
C THR E 84 -6.65 -6.65 -33.93
N LEU E 85 -6.89 -7.96 -33.89
CA LEU E 85 -5.99 -8.91 -34.53
C LEU E 85 -5.89 -8.66 -36.04
N ALA E 86 -7.04 -8.46 -36.69
CA ALA E 86 -7.04 -8.21 -38.12
C ALA E 86 -6.32 -6.91 -38.45
N THR E 87 -6.53 -5.86 -37.65
CA THR E 87 -5.82 -4.61 -37.87
C THR E 87 -4.32 -4.79 -37.70
N ARG E 88 -3.90 -5.53 -36.67
CA ARG E 88 -2.47 -5.72 -36.43
C ARG E 88 -1.86 -6.64 -37.49
N THR E 89 -2.70 -7.42 -38.17
CA THR E 89 -2.20 -8.21 -39.29
C THR E 89 -2.07 -7.36 -40.56
N ILE E 90 -3.02 -6.46 -40.79
CA ILE E 90 -3.01 -5.66 -42.00
C ILE E 90 -1.93 -4.59 -41.93
N GLN E 91 -1.62 -4.11 -40.72
CA GLN E 91 -0.79 -2.91 -40.57
C GLN E 91 0.61 -3.10 -41.15
N GLU E 92 1.07 -4.34 -41.32
CA GLU E 92 2.39 -4.55 -41.93
C GLU E 92 2.23 -4.94 -43.40
N LYS F 3 10.68 -26.45 -57.84
CA LYS F 3 10.76 -25.52 -56.72
C LYS F 3 9.97 -26.05 -55.52
N LYS F 4 10.57 -25.96 -54.34
CA LYS F 4 9.93 -26.41 -53.11
C LYS F 4 8.82 -25.43 -52.73
N MET F 5 7.58 -25.78 -53.07
CA MET F 5 6.46 -24.92 -52.70
C MET F 5 6.17 -25.07 -51.21
N ILE F 6 5.90 -23.95 -50.54
CA ILE F 6 5.84 -23.90 -49.09
C ILE F 6 4.42 -23.57 -48.66
N ALA F 7 3.88 -24.36 -47.73
CA ALA F 7 2.54 -24.19 -47.19
C ALA F 7 2.64 -23.81 -45.71
N ILE F 8 1.96 -22.74 -45.33
CA ILE F 8 1.96 -22.27 -43.95
C ILE F 8 0.75 -22.87 -43.23
N GLY F 9 0.98 -23.54 -42.11
CA GLY F 9 -0.08 -24.21 -41.39
C GLY F 9 -0.12 -23.84 -39.92
N PHE F 10 -1.28 -24.04 -39.30
CA PHE F 10 -1.46 -23.78 -37.87
C PHE F 10 -1.91 -25.06 -37.17
N GLU F 11 -1.61 -25.13 -35.87
CA GLU F 11 -2.16 -26.17 -35.00
C GLU F 11 -2.55 -25.50 -33.68
N GLY F 12 -3.84 -25.55 -33.36
CA GLY F 12 -4.35 -24.99 -32.12
C GLY F 12 -5.45 -25.84 -31.53
N SER F 13 -5.44 -27.15 -31.83
CA SER F 13 -6.49 -28.04 -31.35
C SER F 13 -6.51 -28.16 -29.83
N ALA F 14 -5.44 -27.74 -29.15
CA ALA F 14 -5.38 -27.81 -27.70
C ALA F 14 -4.66 -26.59 -27.14
N ASN F 15 -4.24 -26.66 -25.88
CA ASN F 15 -3.50 -25.56 -25.25
C ASN F 15 -2.12 -25.35 -25.88
N LYS F 16 -1.66 -26.28 -26.71
CA LYS F 16 -0.40 -26.15 -27.41
C LYS F 16 -0.63 -25.39 -28.71
N ILE F 17 0.03 -24.24 -28.86
CA ILE F 17 -0.13 -23.40 -30.04
C ILE F 17 1.12 -23.55 -30.90
N GLY F 18 0.91 -23.82 -32.19
CA GLY F 18 2.04 -24.00 -33.08
C GLY F 18 1.80 -23.54 -34.51
N VAL F 19 2.85 -23.05 -35.16
CA VAL F 19 2.81 -22.64 -36.56
C VAL F 19 3.90 -23.40 -37.30
N GLY F 20 3.57 -23.92 -38.47
CA GLY F 20 4.45 -24.83 -39.19
C GLY F 20 4.71 -24.42 -40.62
N ILE F 21 5.98 -24.54 -41.01
CA ILE F 21 6.43 -24.40 -42.39
C ILE F 21 7.21 -25.66 -42.74
N VAL F 22 6.81 -26.32 -43.83
CA VAL F 22 7.43 -27.57 -44.24
C VAL F 22 7.78 -27.50 -45.72
N THR F 23 8.67 -28.40 -46.14
CA THR F 23 9.06 -28.58 -47.53
C THR F 23 8.53 -29.91 -48.04
N LEU F 24 8.79 -30.18 -49.32
CA LEU F 24 8.26 -31.40 -49.95
C LEU F 24 8.79 -32.66 -49.28
N ASP F 25 10.00 -32.61 -48.74
CA ASP F 25 10.61 -33.77 -48.09
C ASP F 25 10.26 -33.88 -46.61
N GLY F 26 9.46 -32.95 -46.08
CA GLY F 26 9.08 -32.98 -44.68
C GLY F 26 9.99 -32.22 -43.74
N THR F 27 11.08 -31.63 -44.25
CA THR F 27 11.97 -30.84 -43.40
C THR F 27 11.25 -29.61 -42.87
N ILE F 28 11.45 -29.33 -41.59
CA ILE F 28 10.81 -28.19 -40.94
C ILE F 28 11.76 -27.01 -41.00
N LEU F 29 11.39 -25.99 -41.78
CA LEU F 29 12.20 -24.78 -41.84
C LEU F 29 12.07 -23.94 -40.58
N ALA F 30 10.92 -24.01 -39.91
CA ALA F 30 10.71 -23.30 -38.66
C ALA F 30 9.59 -23.97 -37.89
N ASN F 31 9.83 -24.26 -36.62
CA ASN F 31 8.79 -24.83 -35.78
C ASN F 31 8.69 -24.12 -34.44
N PRO F 32 8.33 -22.84 -34.40
CA PRO F 32 8.07 -22.20 -33.11
C PRO F 32 6.79 -22.76 -32.50
N ARG F 33 6.74 -22.74 -31.17
CA ARG F 33 5.66 -23.38 -30.45
C ARG F 33 5.57 -22.78 -29.06
N HIS F 34 4.36 -22.79 -28.48
CA HIS F 34 4.18 -22.32 -27.12
C HIS F 34 3.18 -23.20 -26.39
N THR F 35 3.35 -23.26 -25.06
CA THR F 35 2.64 -24.17 -24.19
C THR F 35 1.87 -23.38 -23.14
N TYR F 36 0.72 -23.90 -22.73
CA TYR F 36 -0.06 -23.30 -21.65
C TYR F 36 -0.06 -24.23 -20.44
N ILE F 37 0.11 -23.64 -19.26
CA ILE F 37 0.19 -24.39 -18.00
C ILE F 37 -1.14 -24.23 -17.27
N THR F 38 -1.49 -25.23 -16.46
CA THR F 38 -2.74 -25.26 -15.74
C THR F 38 -2.52 -25.55 -14.26
N PRO F 39 -3.41 -25.08 -13.39
CA PRO F 39 -3.31 -25.46 -11.98
C PRO F 39 -3.49 -26.96 -11.82
N PRO F 40 -2.86 -27.55 -10.81
CA PRO F 40 -2.94 -29.01 -10.65
C PRO F 40 -4.32 -29.43 -10.14
N GLY F 41 -4.74 -30.62 -10.58
CA GLY F 41 -6.02 -31.16 -10.19
C GLY F 41 -7.20 -30.71 -11.03
N HIS F 42 -6.98 -29.84 -12.01
CA HIS F 42 -8.05 -29.31 -12.84
C HIS F 42 -7.61 -29.24 -14.29
N GLY F 43 -8.59 -29.22 -15.19
CA GLY F 43 -8.34 -29.09 -16.60
C GLY F 43 -8.50 -27.65 -17.07
N PHE F 44 -7.76 -27.29 -18.12
CA PHE F 44 -7.81 -25.94 -18.64
C PHE F 44 -9.17 -25.63 -19.25
N LEU F 45 -9.63 -24.38 -19.07
CA LEU F 45 -10.90 -23.97 -19.63
C LEU F 45 -10.69 -23.23 -20.95
N PRO F 46 -11.65 -23.32 -21.86
CA PRO F 46 -11.43 -22.78 -23.22
C PRO F 46 -11.17 -21.29 -23.29
N ARG F 47 -11.76 -20.49 -22.39
CA ARG F 47 -11.68 -19.04 -22.55
C ARG F 47 -10.27 -18.50 -22.30
N GLU F 48 -9.66 -18.90 -21.18
CA GLU F 48 -8.30 -18.45 -20.91
C GLU F 48 -7.32 -19.07 -21.89
N THR F 49 -7.62 -20.28 -22.37
CA THR F 49 -6.80 -20.88 -23.42
C THR F 49 -6.85 -20.05 -24.69
N ALA F 50 -8.03 -19.57 -25.06
CA ALA F 50 -8.16 -18.71 -26.23
C ALA F 50 -7.45 -17.39 -26.02
N HIS F 51 -7.50 -16.85 -24.80
CA HIS F 51 -6.76 -15.63 -24.51
C HIS F 51 -5.26 -15.84 -24.68
N HIS F 52 -4.74 -16.96 -24.16
CA HIS F 52 -3.33 -17.29 -24.33
C HIS F 52 -2.99 -17.45 -25.81
N HIS F 53 -3.87 -18.11 -26.57
CA HIS F 53 -3.66 -18.28 -27.99
C HIS F 53 -3.60 -16.94 -28.70
N LEU F 54 -4.48 -16.01 -28.33
CA LEU F 54 -4.45 -14.68 -28.93
C LEU F 54 -3.15 -13.96 -28.59
N ASP F 55 -2.69 -14.09 -27.35
CA ASP F 55 -1.43 -13.45 -26.96
C ASP F 55 -0.26 -14.00 -27.77
N HIS F 56 -0.24 -15.31 -28.00
CA HIS F 56 0.94 -15.97 -28.56
C HIS F 56 0.89 -16.25 -30.05
N VAL F 57 -0.25 -15.99 -30.72
CA VAL F 57 -0.37 -16.37 -32.12
C VAL F 57 0.49 -15.48 -33.01
N LEU F 58 0.46 -14.15 -32.79
CA LEU F 58 1.27 -13.26 -33.62
C LEU F 58 2.76 -13.49 -33.41
N PRO F 59 3.29 -13.55 -32.18
CA PRO F 59 4.72 -13.84 -32.03
C PRO F 59 5.13 -15.18 -32.63
N LEU F 60 4.25 -16.17 -32.62
CA LEU F 60 4.60 -17.46 -33.23
C LEU F 60 4.80 -17.34 -34.73
N VAL F 61 3.89 -16.62 -35.41
CA VAL F 61 4.04 -16.43 -36.86
C VAL F 61 5.29 -15.60 -37.15
N LYS F 62 5.54 -14.58 -36.32
CA LYS F 62 6.74 -13.76 -36.49
C LYS F 62 8.00 -14.61 -36.34
N SER F 63 8.04 -15.47 -35.33
CA SER F 63 9.19 -16.33 -35.12
C SER F 63 9.33 -17.34 -36.25
N ALA F 64 8.21 -17.84 -36.78
CA ALA F 64 8.27 -18.77 -37.89
C ALA F 64 8.87 -18.12 -39.13
N LEU F 65 8.42 -16.90 -39.45
CA LEU F 65 8.96 -16.22 -40.62
C LEU F 65 10.42 -15.84 -40.42
N GLU F 66 10.83 -15.53 -39.19
CA GLU F 66 12.25 -15.24 -38.95
C GLU F 66 13.10 -16.50 -39.07
N THR F 67 12.68 -17.59 -38.42
CA THR F 67 13.50 -18.80 -38.37
C THR F 67 13.57 -19.47 -39.73
N SER F 68 12.42 -19.62 -40.41
CA SER F 68 12.43 -20.22 -41.74
C SER F 68 13.17 -19.36 -42.75
N GLN F 69 13.32 -18.06 -42.47
CA GLN F 69 13.97 -17.13 -43.38
C GLN F 69 13.30 -17.14 -44.75
N VAL F 70 11.98 -17.31 -44.76
CA VAL F 70 11.18 -17.35 -45.97
C VAL F 70 10.17 -16.22 -45.93
N THR F 71 10.21 -15.36 -46.94
CA THR F 71 9.28 -14.25 -47.01
C THR F 71 7.85 -14.78 -47.23
N PRO F 72 6.84 -14.10 -46.67
CA PRO F 72 5.46 -14.58 -46.81
C PRO F 72 4.98 -14.66 -48.25
N GLU F 73 5.58 -13.90 -49.17
CA GLU F 73 5.25 -14.05 -50.58
C GLU F 73 5.62 -15.43 -51.09
N GLU F 74 6.77 -15.95 -50.68
CA GLU F 74 7.19 -17.28 -51.10
C GLU F 74 6.26 -18.38 -50.61
N ILE F 75 5.47 -18.11 -49.57
CA ILE F 75 4.46 -19.07 -49.13
C ILE F 75 3.45 -19.28 -50.25
N ASP F 76 3.21 -20.53 -50.58
CA ASP F 76 2.35 -20.89 -51.71
C ASP F 76 0.87 -21.02 -51.33
N CYS F 77 0.57 -21.60 -50.16
CA CYS F 77 -0.81 -21.77 -49.76
C CYS F 77 -0.88 -21.77 -48.24
N ILE F 78 -2.11 -21.61 -47.73
CA ILE F 78 -2.37 -21.59 -46.31
C ILE F 78 -3.24 -22.79 -45.96
N CYS F 79 -2.89 -23.45 -44.86
CA CYS F 79 -3.57 -24.63 -44.38
C CYS F 79 -4.06 -24.35 -42.97
N TYR F 80 -5.33 -24.64 -42.72
CA TYR F 80 -5.88 -24.45 -41.37
C TYR F 80 -6.39 -25.79 -40.88
N THR F 81 -6.16 -26.05 -39.60
CA THR F 81 -6.59 -27.30 -38.98
C THR F 81 -8.09 -27.27 -38.80
N LYS F 82 -8.81 -28.07 -39.59
CA LYS F 82 -10.26 -28.11 -39.48
C LYS F 82 -10.68 -28.72 -38.14
N GLY F 83 -9.91 -29.68 -37.65
CA GLY F 83 -10.19 -30.31 -36.38
C GLY F 83 -9.65 -31.73 -36.32
N PRO F 84 -10.04 -32.47 -35.27
CA PRO F 84 -10.89 -31.98 -34.18
C PRO F 84 -10.12 -31.08 -33.19
N GLY F 85 -10.85 -30.27 -32.45
CA GLY F 85 -10.24 -29.36 -31.49
C GLY F 85 -11.29 -28.45 -30.90
N MET F 86 -10.83 -27.64 -29.95
CA MET F 86 -11.74 -26.72 -29.27
C MET F 86 -12.10 -25.55 -30.17
N GLY F 87 -13.34 -25.08 -30.04
CA GLY F 87 -13.87 -24.12 -30.99
C GLY F 87 -13.12 -22.80 -31.02
N ALA F 88 -12.79 -22.26 -29.84
CA ALA F 88 -12.19 -20.93 -29.78
C ALA F 88 -10.82 -20.85 -30.43
N PRO F 89 -9.84 -21.70 -30.12
CA PRO F 89 -8.55 -21.59 -30.82
C PRO F 89 -8.65 -21.91 -32.29
N LEU F 90 -9.53 -22.86 -32.66
CA LEU F 90 -9.74 -23.15 -34.07
C LEU F 90 -10.29 -21.94 -34.81
N GLN F 91 -11.23 -21.22 -34.20
CA GLN F 91 -11.79 -20.04 -34.85
C GLN F 91 -10.77 -18.90 -34.91
N VAL F 92 -9.91 -18.80 -33.90
CA VAL F 92 -8.85 -17.79 -33.95
C VAL F 92 -7.89 -18.09 -35.11
N SER F 93 -7.48 -19.35 -35.23
CA SER F 93 -6.63 -19.74 -36.34
C SER F 93 -7.32 -19.53 -37.68
N ALA F 94 -8.62 -19.83 -37.75
CA ALA F 94 -9.36 -19.64 -38.99
C ALA F 94 -9.41 -18.18 -39.38
N ILE F 95 -9.66 -17.30 -38.42
CA ILE F 95 -9.67 -15.86 -38.70
C ILE F 95 -8.31 -15.42 -39.20
N VAL F 96 -7.24 -15.86 -38.54
CA VAL F 96 -5.91 -15.43 -38.94
C VAL F 96 -5.58 -15.94 -40.34
N VAL F 97 -5.88 -17.20 -40.64
CA VAL F 97 -5.56 -17.73 -41.96
C VAL F 97 -6.41 -17.03 -43.03
N ARG F 98 -7.66 -16.70 -42.72
CA ARG F 98 -8.49 -16.01 -43.70
C ARG F 98 -7.93 -14.63 -44.00
N VAL F 99 -7.50 -13.90 -42.96
CA VAL F 99 -6.93 -12.58 -43.19
C VAL F 99 -5.63 -12.68 -43.98
N LEU F 100 -4.78 -13.65 -43.64
CA LEU F 100 -3.54 -13.83 -44.37
C LEU F 100 -3.78 -14.21 -45.83
N SER F 101 -4.79 -15.05 -46.08
CA SER F 101 -5.12 -15.41 -47.45
C SER F 101 -5.65 -14.22 -48.22
N GLN F 102 -6.47 -13.39 -47.58
CA GLN F 102 -7.02 -12.22 -48.27
C GLN F 102 -5.93 -11.20 -48.56
N LEU F 103 -4.92 -11.09 -47.70
CA LEU F 103 -3.85 -10.13 -47.95
C LEU F 103 -2.83 -10.67 -48.95
N TRP F 104 -2.58 -11.98 -48.94
CA TRP F 104 -1.55 -12.56 -49.77
C TRP F 104 -2.08 -13.28 -51.00
N LYS F 105 -3.38 -13.53 -51.08
CA LYS F 105 -4.01 -14.17 -52.24
C LYS F 105 -3.44 -15.58 -52.47
N LYS F 106 -3.57 -16.41 -51.45
CA LYS F 106 -3.16 -17.81 -51.50
C LYS F 106 -4.33 -18.70 -51.10
N PRO F 107 -4.46 -19.86 -51.76
CA PRO F 107 -5.59 -20.74 -51.46
C PRO F 107 -5.51 -21.36 -50.07
N ILE F 108 -6.70 -21.61 -49.52
CA ILE F 108 -6.87 -22.17 -48.18
C ILE F 108 -7.26 -23.63 -48.32
N VAL F 109 -6.73 -24.47 -47.42
CA VAL F 109 -7.14 -25.87 -47.36
C VAL F 109 -7.31 -26.30 -45.91
N ALA F 110 -8.37 -27.08 -45.66
CA ALA F 110 -8.64 -27.62 -44.33
C ALA F 110 -7.92 -28.96 -44.17
N VAL F 111 -7.25 -29.13 -43.04
CA VAL F 111 -6.39 -30.28 -42.80
C VAL F 111 -6.82 -30.98 -41.52
N ASN F 112 -6.77 -32.31 -41.54
CA ASN F 112 -7.04 -33.13 -40.36
C ASN F 112 -5.78 -33.22 -39.50
N HIS F 113 -5.93 -33.73 -38.27
CA HIS F 113 -4.79 -33.77 -37.36
C HIS F 113 -4.20 -35.18 -37.27
N CYS F 114 -5.05 -36.20 -37.18
CA CYS F 114 -4.55 -37.57 -37.04
C CYS F 114 -3.77 -38.00 -38.28
N VAL F 115 -4.27 -37.65 -39.46
CA VAL F 115 -3.55 -37.95 -40.70
C VAL F 115 -2.21 -37.23 -40.69
N ALA F 116 -2.17 -36.01 -40.16
CA ALA F 116 -0.91 -35.28 -40.06
C ALA F 116 0.07 -36.04 -39.17
N HIS F 117 -0.40 -36.51 -38.01
CA HIS F 117 0.44 -37.32 -37.15
C HIS F 117 0.99 -38.53 -37.88
N ILE F 118 0.11 -39.24 -38.59
CA ILE F 118 0.52 -40.48 -39.27
C ILE F 118 1.59 -40.19 -40.31
N GLU F 119 1.36 -39.15 -41.14
CA GLU F 119 2.28 -38.91 -42.24
C GLU F 119 3.62 -38.36 -41.75
N MET F 120 3.60 -37.50 -40.72
CA MET F 120 4.87 -36.98 -40.22
C MET F 120 5.66 -38.09 -39.55
N GLY F 121 5.00 -38.98 -38.80
CA GLY F 121 5.68 -40.13 -38.27
C GLY F 121 6.26 -41.02 -39.35
N ARG F 122 5.51 -41.21 -40.45
CA ARG F 122 5.99 -41.99 -41.58
C ARG F 122 7.27 -41.39 -42.14
N VAL F 123 7.28 -40.06 -42.34
CA VAL F 123 8.44 -39.45 -42.99
C VAL F 123 9.59 -39.27 -42.00
N VAL F 124 9.33 -39.36 -40.70
CA VAL F 124 10.40 -39.24 -39.72
C VAL F 124 11.08 -40.59 -39.49
N THR F 125 10.30 -41.62 -39.18
CA THR F 125 10.87 -42.91 -38.82
C THR F 125 11.31 -43.74 -40.02
N GLY F 126 10.94 -43.34 -41.24
CA GLY F 126 11.28 -44.11 -42.41
C GLY F 126 10.45 -45.35 -42.63
N ALA F 127 9.39 -45.54 -41.85
CA ALA F 127 8.53 -46.70 -42.02
C ALA F 127 7.82 -46.64 -43.37
N ASP F 128 7.59 -47.83 -43.95
CA ASP F 128 6.97 -47.90 -45.28
C ASP F 128 5.48 -47.58 -45.20
N ASP F 129 4.73 -48.42 -44.49
CA ASP F 129 3.28 -48.22 -44.35
C ASP F 129 2.76 -49.06 -43.19
N PRO F 130 3.07 -48.68 -41.95
CA PRO F 130 2.66 -49.50 -40.81
C PRO F 130 1.29 -49.13 -40.26
N VAL F 131 0.68 -50.10 -39.59
CA VAL F 131 -0.52 -49.84 -38.79
C VAL F 131 -0.11 -49.04 -37.57
N VAL F 132 -0.85 -47.96 -37.28
CA VAL F 132 -0.42 -46.99 -36.28
C VAL F 132 -1.41 -46.97 -35.13
N LEU F 133 -0.88 -47.03 -33.91
CA LEU F 133 -1.66 -46.78 -32.70
C LEU F 133 -1.39 -45.35 -32.25
N TYR F 134 -2.40 -44.49 -32.37
CA TYR F 134 -2.31 -43.12 -31.87
C TYR F 134 -3.03 -43.11 -30.53
N VAL F 135 -2.28 -42.99 -29.44
CA VAL F 135 -2.83 -42.95 -28.10
C VAL F 135 -2.32 -41.68 -27.40
N SER F 136 -3.24 -40.83 -26.98
CA SER F 136 -2.89 -39.58 -26.34
C SER F 136 -4.01 -39.19 -25.39
N GLY F 137 -3.99 -37.93 -24.94
CA GLY F 137 -5.05 -37.44 -24.05
C GLY F 137 -6.35 -37.16 -24.76
N GLY F 138 -6.32 -37.01 -26.08
CA GLY F 138 -7.54 -36.72 -26.83
C GLY F 138 -7.88 -37.78 -27.86
N ASN F 139 -6.97 -38.72 -28.08
CA ASN F 139 -7.18 -39.74 -29.10
C ASN F 139 -6.60 -41.07 -28.64
N THR F 140 -7.30 -42.15 -28.94
CA THR F 140 -6.81 -43.50 -28.69
C THR F 140 -7.45 -44.40 -29.74
N GLN F 141 -6.71 -44.69 -30.81
CA GLN F 141 -7.28 -45.39 -31.95
C GLN F 141 -6.18 -46.14 -32.71
N VAL F 142 -6.63 -47.10 -33.52
CA VAL F 142 -5.78 -47.88 -34.41
C VAL F 142 -6.16 -47.53 -35.84
N ILE F 143 -5.18 -47.10 -36.63
CA ILE F 143 -5.40 -46.59 -37.98
C ILE F 143 -4.61 -47.43 -38.96
N ALA F 144 -5.27 -47.83 -40.05
CA ALA F 144 -4.63 -48.58 -41.12
C ALA F 144 -5.11 -48.05 -42.46
N TYR F 145 -4.18 -47.93 -43.41
CA TYR F 145 -4.51 -47.43 -44.74
C TYR F 145 -5.21 -48.51 -45.55
N SER F 146 -6.22 -48.11 -46.32
CA SER F 146 -6.94 -49.05 -47.17
C SER F 146 -7.70 -48.26 -48.24
N GLU F 147 -7.35 -48.49 -49.50
CA GLU F 147 -8.10 -47.95 -50.65
C GLU F 147 -8.24 -46.43 -50.57
N GLY F 148 -7.17 -45.76 -50.14
CA GLY F 148 -7.18 -44.32 -50.07
C GLY F 148 -7.85 -43.75 -48.84
N ARG F 149 -8.23 -44.58 -47.88
CA ARG F 149 -8.86 -44.13 -46.65
C ARG F 149 -8.12 -44.68 -45.44
N TYR F 150 -7.85 -43.81 -44.48
CA TYR F 150 -7.17 -44.22 -43.24
C TYR F 150 -8.25 -44.72 -42.28
N ARG F 151 -8.59 -46.01 -42.42
CA ARG F 151 -9.70 -46.59 -41.69
C ARG F 151 -9.31 -46.91 -40.26
N ILE F 152 -10.31 -46.93 -39.38
CA ILE F 152 -10.11 -47.23 -37.97
C ILE F 152 -10.41 -48.71 -37.74
N PHE F 153 -9.51 -49.40 -37.06
CA PHE F 153 -9.68 -50.81 -36.73
C PHE F 153 -9.93 -51.02 -35.24
N GLY F 154 -9.22 -50.31 -34.37
CA GLY F 154 -9.43 -50.42 -32.95
C GLY F 154 -9.31 -49.09 -32.22
N GLU F 155 -10.12 -48.90 -31.19
CA GLU F 155 -10.11 -47.66 -30.43
C GLU F 155 -10.77 -47.91 -29.07
N THR F 156 -10.64 -46.91 -28.20
CA THR F 156 -11.33 -46.96 -26.92
C THR F 156 -12.83 -46.80 -27.12
N ILE F 157 -13.61 -47.42 -26.24
CA ILE F 157 -15.06 -47.40 -26.38
C ILE F 157 -15.74 -46.40 -25.45
N ASP F 158 -15.11 -46.03 -24.34
CA ASP F 158 -15.70 -45.09 -23.39
C ASP F 158 -14.95 -43.78 -23.32
N ILE F 159 -13.65 -43.83 -23.01
CA ILE F 159 -12.82 -42.63 -22.87
C ILE F 159 -11.42 -42.94 -23.37
N ALA F 160 -10.78 -41.93 -23.95
CA ALA F 160 -9.37 -42.05 -24.28
C ALA F 160 -8.57 -42.26 -22.99
N VAL F 161 -7.62 -43.20 -23.03
CA VAL F 161 -6.91 -43.56 -21.80
C VAL F 161 -6.05 -42.40 -21.30
N GLY F 162 -5.73 -41.45 -22.18
CA GLY F 162 -5.08 -40.23 -21.71
C GLY F 162 -5.95 -39.49 -20.72
N ASN F 163 -7.25 -39.41 -21.00
CA ASN F 163 -8.17 -38.77 -20.06
C ASN F 163 -8.21 -39.52 -18.73
N CYS F 164 -8.24 -40.86 -18.79
CA CYS F 164 -8.26 -41.65 -17.56
C CYS F 164 -6.99 -41.44 -16.74
N LEU F 165 -5.83 -41.43 -17.42
CA LEU F 165 -4.57 -41.23 -16.71
C LEU F 165 -4.51 -39.84 -16.08
N ASP F 166 -4.94 -38.82 -16.83
CA ASP F 166 -4.93 -37.46 -16.29
C ASP F 166 -5.90 -37.33 -15.11
N ARG F 167 -7.07 -37.95 -15.21
CA ARG F 167 -8.03 -37.90 -14.11
C ARG F 167 -7.50 -38.59 -12.86
N PHE F 168 -6.84 -39.74 -13.03
CA PHE F 168 -6.28 -40.43 -11.87
C PHE F 168 -5.12 -39.64 -11.29
N ALA F 169 -4.32 -38.99 -12.14
CA ALA F 169 -3.26 -38.13 -11.64
C ALA F 169 -3.81 -36.97 -10.84
N ARG F 170 -4.93 -36.40 -11.30
CA ARG F 170 -5.61 -35.36 -10.51
C ARG F 170 -6.11 -35.94 -9.19
N VAL F 171 -6.61 -37.17 -9.21
CA VAL F 171 -7.06 -37.82 -7.99
C VAL F 171 -5.89 -38.01 -7.03
N LEU F 172 -4.75 -38.45 -7.54
CA LEU F 172 -3.54 -38.61 -6.74
C LEU F 172 -2.86 -37.28 -6.42
N LYS F 173 -3.40 -36.16 -6.92
CA LYS F 173 -2.88 -34.82 -6.65
C LYS F 173 -1.43 -34.67 -7.13
N LEU F 174 -1.10 -35.30 -8.25
CA LEU F 174 0.23 -35.14 -8.83
C LEU F 174 0.34 -33.81 -9.55
N SER F 175 1.56 -33.28 -9.60
CA SER F 175 1.80 -31.98 -10.20
C SER F 175 1.59 -32.03 -11.73
N ASN F 176 1.17 -30.90 -12.28
CA ASN F 176 0.98 -30.75 -13.72
C ASN F 176 2.26 -30.35 -14.43
N ASP F 177 3.35 -30.13 -13.71
CA ASP F 177 4.62 -29.70 -14.30
C ASP F 177 5.62 -30.85 -14.22
N PRO F 178 6.20 -31.29 -15.35
CA PRO F 178 5.91 -30.76 -16.69
C PRO F 178 4.63 -31.34 -17.28
N SER F 179 4.15 -32.43 -16.70
CA SER F 179 2.92 -33.08 -17.14
C SER F 179 2.51 -34.09 -16.07
N PRO F 180 1.22 -34.29 -15.85
CA PRO F 180 0.79 -35.34 -14.92
C PRO F 180 1.23 -36.72 -15.36
N GLY F 181 1.32 -36.97 -16.66
CA GLY F 181 1.73 -38.28 -17.14
C GLY F 181 3.16 -38.63 -16.73
N TYR F 182 4.07 -37.65 -16.82
CA TYR F 182 5.45 -37.92 -16.43
C TYR F 182 5.57 -38.21 -14.94
N ASN F 183 4.83 -37.46 -14.11
CA ASN F 183 4.83 -37.73 -12.68
C ASN F 183 4.26 -39.11 -12.39
N ILE F 184 3.18 -39.49 -13.09
CA ILE F 184 2.61 -40.82 -12.92
C ILE F 184 3.63 -41.89 -13.30
N GLU F 185 4.33 -41.69 -14.42
CA GLU F 185 5.32 -42.67 -14.87
C GLU F 185 6.45 -42.82 -13.85
N GLN F 186 6.96 -41.70 -13.34
CA GLN F 186 8.03 -41.76 -12.35
C GLN F 186 7.55 -42.44 -11.07
N LEU F 187 6.35 -42.09 -10.60
CA LEU F 187 5.84 -42.67 -9.37
C LEU F 187 5.61 -44.17 -9.54
N ALA F 188 5.16 -44.60 -10.72
CA ALA F 188 5.07 -46.02 -11.02
C ALA F 188 6.43 -46.67 -11.03
N LYS F 189 7.44 -45.99 -11.59
CA LYS F 189 8.81 -46.49 -11.52
C LYS F 189 9.27 -46.65 -10.08
N LYS F 190 8.72 -45.87 -9.16
CA LYS F 190 8.93 -46.09 -7.73
C LYS F 190 7.95 -47.08 -7.13
N GLY F 191 7.07 -47.67 -7.95
CA GLY F 191 6.08 -48.59 -7.42
C GLY F 191 6.70 -49.90 -6.94
N GLU F 192 6.05 -50.51 -5.96
CA GLU F 192 6.53 -51.75 -5.37
C GLU F 192 5.47 -52.84 -5.33
N ASN F 193 4.21 -52.45 -5.19
CA ASN F 193 3.11 -53.39 -5.03
C ASN F 193 2.15 -53.28 -6.21
N PHE F 194 1.71 -54.44 -6.72
CA PHE F 194 0.74 -54.49 -7.80
C PHE F 194 -0.63 -54.83 -7.26
N ILE F 195 -1.66 -54.19 -7.83
CA ILE F 195 -3.04 -54.40 -7.43
C ILE F 195 -3.85 -54.77 -8.66
N ASP F 196 -4.68 -55.79 -8.54
CA ASP F 196 -5.48 -56.26 -9.66
C ASP F 196 -6.54 -55.23 -10.05
N LEU F 197 -6.85 -55.18 -11.34
CA LEU F 197 -7.83 -54.27 -11.91
C LEU F 197 -8.76 -55.03 -12.83
N PRO F 198 -9.99 -54.54 -13.04
CA PRO F 198 -10.94 -55.26 -13.89
C PRO F 198 -10.44 -55.37 -15.34
N TYR F 199 -10.82 -56.47 -15.98
CA TYR F 199 -10.49 -56.72 -17.38
C TYR F 199 -11.67 -56.22 -18.22
N ALA F 200 -11.45 -55.09 -18.91
CA ALA F 200 -12.53 -54.41 -19.62
C ALA F 200 -12.22 -54.27 -21.10
N VAL F 201 -11.74 -55.35 -21.71
CA VAL F 201 -11.50 -55.39 -23.14
C VAL F 201 -12.67 -56.10 -23.80
N LYS F 202 -13.43 -55.37 -24.61
CA LYS F 202 -14.61 -55.90 -25.29
C LYS F 202 -14.22 -56.17 -26.74
N GLY F 203 -14.28 -57.45 -27.13
CA GLY F 203 -13.84 -57.84 -28.45
C GLY F 203 -12.36 -57.57 -28.64
N MET F 204 -12.04 -56.62 -29.51
CA MET F 204 -10.67 -56.19 -29.72
C MET F 204 -10.44 -54.74 -29.33
N ASP F 205 -11.43 -54.11 -28.69
CA ASP F 205 -11.33 -52.73 -28.22
C ASP F 205 -11.19 -52.69 -26.70
N VAL F 206 -11.03 -51.48 -26.16
CA VAL F 206 -10.75 -51.27 -24.75
C VAL F 206 -11.75 -50.31 -24.13
N SER F 207 -11.90 -50.45 -22.81
CA SER F 207 -12.68 -49.54 -21.99
C SER F 207 -11.87 -49.18 -20.74
N PHE F 208 -12.07 -47.96 -20.25
CA PHE F 208 -11.32 -47.47 -19.10
C PHE F 208 -12.17 -46.82 -18.01
N SER F 209 -13.45 -46.53 -18.28
CA SER F 209 -14.28 -45.87 -17.27
C SER F 209 -14.44 -46.74 -16.03
N GLY F 210 -14.82 -48.00 -16.22
CA GLY F 210 -14.94 -48.90 -15.09
C GLY F 210 -13.62 -49.14 -14.38
N ILE F 211 -12.54 -49.30 -15.16
CA ILE F 211 -11.22 -49.48 -14.56
C ILE F 211 -10.82 -48.24 -13.78
N LEU F 212 -11.06 -47.06 -14.34
CA LEU F 212 -10.73 -45.82 -13.63
C LEU F 212 -11.51 -45.70 -12.34
N SER F 213 -12.82 -46.00 -12.37
CA SER F 213 -13.63 -45.93 -11.15
C SER F 213 -13.14 -46.92 -10.10
N TYR F 214 -12.85 -48.16 -10.52
CA TYR F 214 -12.38 -49.16 -9.57
C TYR F 214 -11.06 -48.75 -8.95
N ILE F 215 -10.12 -48.23 -9.76
CA ILE F 215 -8.83 -47.91 -9.20
C ILE F 215 -8.88 -46.62 -8.39
N GLU F 216 -9.82 -45.72 -8.70
CA GLU F 216 -10.03 -44.56 -7.83
C GLU F 216 -10.54 -44.99 -6.47
N THR F 217 -11.50 -45.92 -6.45
CA THR F 217 -11.99 -46.46 -5.18
C THR F 217 -10.87 -47.15 -4.41
N THR F 218 -10.06 -47.95 -5.12
CA THR F 218 -8.94 -48.63 -4.48
C THR F 218 -7.93 -47.63 -3.92
N ALA F 219 -7.64 -46.56 -4.67
CA ALA F 219 -6.71 -45.54 -4.22
C ALA F 219 -7.24 -44.86 -2.97
N GLU F 220 -8.52 -44.49 -2.97
CA GLU F 220 -9.11 -43.87 -1.80
C GLU F 220 -9.05 -44.78 -0.58
N GLU F 221 -9.41 -46.06 -0.77
CA GLU F 221 -9.40 -47.00 0.34
C GLU F 221 -8.00 -47.22 0.89
N LYS F 222 -7.00 -47.36 0.01
CA LYS F 222 -5.66 -47.69 0.45
C LYS F 222 -4.94 -46.47 1.04
N LEU F 223 -5.16 -45.28 0.49
CA LEU F 223 -4.60 -44.08 1.09
C LEU F 223 -5.28 -43.75 2.41
N LYS F 224 -6.58 -44.01 2.52
CA LYS F 224 -7.27 -43.80 3.79
C LYS F 224 -6.73 -44.74 4.87
N ASN F 225 -6.47 -45.99 4.52
CA ASN F 225 -5.95 -46.98 5.46
C ASN F 225 -4.43 -47.01 5.53
N ASN F 226 -3.76 -46.23 4.67
CA ASN F 226 -2.30 -46.19 4.62
C ASN F 226 -1.70 -47.57 4.35
N GLU F 227 -2.42 -48.40 3.60
CA GLU F 227 -1.94 -49.74 3.30
C GLU F 227 -0.84 -49.75 2.25
N CYS F 228 -0.73 -48.70 1.44
CA CYS F 228 0.30 -48.64 0.41
C CYS F 228 0.55 -47.18 0.05
N THR F 229 1.60 -46.96 -0.72
CA THR F 229 1.97 -45.66 -1.27
C THR F 229 1.33 -45.47 -2.63
N PRO F 230 1.19 -44.22 -3.08
CA PRO F 230 0.67 -43.99 -4.45
C PRO F 230 1.56 -44.59 -5.52
N ALA F 231 2.82 -44.88 -5.20
CA ALA F 231 3.71 -45.53 -6.16
C ALA F 231 3.18 -46.90 -6.57
N ASP F 232 2.68 -47.68 -5.61
CA ASP F 232 2.10 -48.97 -5.92
C ASP F 232 0.86 -48.82 -6.79
N LEU F 233 0.03 -47.81 -6.51
CA LEU F 233 -1.15 -47.54 -7.32
C LEU F 233 -0.76 -47.25 -8.77
N CYS F 234 0.22 -46.37 -8.95
CA CYS F 234 0.68 -46.03 -10.28
C CYS F 234 1.27 -47.24 -11.00
N TYR F 235 2.04 -48.06 -10.27
CA TYR F 235 2.59 -49.27 -10.86
C TYR F 235 1.50 -50.20 -11.35
N SER F 236 0.47 -50.42 -10.52
CA SER F 236 -0.62 -51.31 -10.90
C SER F 236 -1.35 -50.78 -12.12
N LEU F 237 -1.71 -49.49 -12.11
CA LEU F 237 -2.42 -48.91 -13.24
C LEU F 237 -1.58 -49.00 -14.51
N GLN F 238 -0.30 -48.66 -14.41
CA GLN F 238 0.58 -48.67 -15.57
C GLN F 238 0.66 -50.07 -16.18
N GLU F 239 0.95 -51.08 -15.35
CA GLU F 239 1.10 -52.43 -15.88
C GLU F 239 -0.21 -52.95 -16.46
N THR F 240 -1.33 -52.71 -15.78
CA THR F 240 -2.61 -53.22 -16.27
C THR F 240 -2.98 -52.59 -17.60
N VAL F 241 -2.92 -51.25 -17.69
CA VAL F 241 -3.30 -50.59 -18.93
C VAL F 241 -2.34 -50.94 -20.05
N PHE F 242 -1.05 -51.11 -19.73
CA PHE F 242 -0.08 -51.52 -20.76
C PHE F 242 -0.43 -52.90 -21.29
N ALA F 243 -0.79 -53.82 -20.40
CA ALA F 243 -1.19 -55.16 -20.84
C ALA F 243 -2.41 -55.09 -21.76
N MET F 244 -3.42 -54.32 -21.37
CA MET F 244 -4.63 -54.24 -22.20
C MET F 244 -4.31 -53.65 -23.57
N LEU F 245 -3.58 -52.53 -23.58
CA LEU F 245 -3.27 -51.85 -24.84
C LEU F 245 -2.43 -52.72 -25.76
N VAL F 246 -1.42 -53.39 -25.21
CA VAL F 246 -0.57 -54.23 -26.05
C VAL F 246 -1.32 -55.46 -26.53
N GLU F 247 -2.23 -56.00 -25.72
CA GLU F 247 -3.03 -57.14 -26.17
C GLU F 247 -3.92 -56.76 -27.35
N ILE F 248 -4.59 -55.60 -27.26
CA ILE F 248 -5.44 -55.21 -28.38
C ILE F 248 -4.58 -54.82 -29.59
N THR F 249 -3.39 -54.26 -29.35
CA THR F 249 -2.48 -53.98 -30.46
C THR F 249 -2.07 -55.26 -31.17
N GLU F 250 -1.77 -56.31 -30.40
CA GLU F 250 -1.43 -57.60 -31.00
C GLU F 250 -2.60 -58.18 -31.78
N ARG F 251 -3.81 -58.09 -31.22
CA ARG F 251 -4.97 -58.63 -31.92
C ARG F 251 -5.21 -57.90 -33.24
N ALA F 252 -5.10 -56.57 -33.22
CA ALA F 252 -5.26 -55.79 -34.45
C ALA F 252 -4.15 -56.11 -35.44
N MET F 253 -2.91 -56.25 -34.95
CA MET F 253 -1.79 -56.58 -35.82
C MET F 253 -1.99 -57.92 -36.50
N ALA F 254 -2.47 -58.92 -35.76
CA ALA F 254 -2.78 -60.20 -36.36
C ALA F 254 -3.93 -60.09 -37.36
N HIS F 255 -4.96 -59.31 -37.04
CA HIS F 255 -6.09 -59.17 -37.94
C HIS F 255 -5.70 -58.48 -39.24
N CYS F 256 -4.89 -57.42 -39.15
CA CYS F 256 -4.54 -56.62 -40.32
C CYS F 256 -3.52 -57.29 -41.22
N ASP F 257 -2.80 -58.29 -40.72
CA ASP F 257 -1.79 -59.02 -41.50
C ASP F 257 -0.73 -58.06 -42.06
N LYS F 258 -0.01 -57.43 -41.13
CA LYS F 258 1.07 -56.52 -41.45
C LYS F 258 2.40 -57.12 -41.04
N LYS F 259 3.46 -56.32 -41.19
CA LYS F 259 4.80 -56.71 -40.80
C LYS F 259 5.31 -55.99 -39.57
N ASP F 260 5.15 -54.66 -39.51
CA ASP F 260 5.64 -53.86 -38.40
C ASP F 260 4.56 -52.88 -37.96
N VAL F 261 4.71 -52.36 -36.73
CA VAL F 261 3.69 -51.52 -36.10
C VAL F 261 4.35 -50.20 -35.68
N LEU F 262 3.56 -49.12 -35.72
CA LEU F 262 4.01 -47.80 -35.31
C LEU F 262 3.14 -47.31 -34.16
N ILE F 263 3.76 -46.61 -33.22
CA ILE F 263 3.08 -46.04 -32.06
C ILE F 263 3.36 -44.55 -32.02
N VAL F 264 2.35 -43.77 -31.63
CA VAL F 264 2.49 -42.33 -31.53
C VAL F 264 1.52 -41.79 -30.49
N GLY F 265 1.89 -40.66 -29.89
CA GLY F 265 1.07 -40.02 -28.88
C GLY F 265 1.85 -39.65 -27.63
N GLY F 266 1.34 -38.67 -26.88
CA GLY F 266 2.00 -38.29 -25.64
C GLY F 266 2.08 -39.43 -24.65
N VAL F 267 0.98 -40.19 -24.51
CA VAL F 267 0.99 -41.36 -23.65
C VAL F 267 2.01 -42.38 -24.12
N GLY F 268 2.35 -42.35 -25.40
CA GLY F 268 3.39 -43.23 -25.94
C GLY F 268 4.79 -42.89 -25.49
N CYS F 269 4.97 -41.80 -24.73
CA CYS F 269 6.29 -41.44 -24.24
C CYS F 269 6.82 -42.40 -23.18
N ASN F 270 5.98 -43.32 -22.68
CA ASN F 270 6.41 -44.23 -21.63
C ASN F 270 7.44 -45.22 -22.17
N GLU F 271 8.24 -45.78 -21.25
CA GLU F 271 9.31 -46.70 -21.62
C GLU F 271 8.95 -48.16 -21.39
N ARG F 272 8.19 -48.46 -20.33
CA ARG F 272 7.80 -49.84 -20.08
C ARG F 272 6.99 -50.40 -21.25
N LEU F 273 6.06 -49.59 -21.78
CA LEU F 273 5.33 -49.98 -22.97
C LEU F 273 6.29 -50.36 -24.08
N GLN F 274 7.03 -49.38 -24.60
CA GLN F 274 7.88 -49.62 -25.77
C GLN F 274 8.80 -50.82 -25.56
N GLU F 275 9.35 -50.97 -24.35
CA GLU F 275 10.18 -52.13 -24.07
C GLU F 275 9.44 -53.43 -24.27
N MET F 276 8.35 -53.65 -23.51
CA MET F 276 7.71 -54.96 -23.55
C MET F 276 7.02 -55.20 -24.89
N MET F 277 6.47 -54.16 -25.51
CA MET F 277 5.79 -54.35 -26.78
C MET F 277 6.78 -54.57 -27.92
N ARG F 278 7.98 -53.97 -27.84
CA ARG F 278 9.00 -54.31 -28.83
C ARG F 278 9.51 -55.72 -28.63
N THR F 279 9.54 -56.18 -27.37
CA THR F 279 9.90 -57.57 -27.12
C THR F 279 8.89 -58.53 -27.76
N MET F 280 7.60 -58.27 -27.53
CA MET F 280 6.59 -59.14 -28.13
C MET F 280 6.51 -58.97 -29.64
N CYS F 281 6.89 -57.80 -30.16
CA CYS F 281 6.95 -57.62 -31.61
C CYS F 281 8.08 -58.45 -32.22
N SER F 282 9.24 -58.45 -31.57
CA SER F 282 10.31 -59.35 -31.98
C SER F 282 9.86 -60.80 -31.90
N GLU F 283 9.07 -61.13 -30.89
CA GLU F 283 8.44 -62.45 -30.83
C GLU F 283 7.53 -62.68 -32.04
N ARG F 284 6.85 -61.63 -32.51
CA ARG F 284 5.91 -61.70 -33.61
C ARG F 284 6.53 -61.34 -34.95
N ASP F 285 7.87 -61.32 -35.02
CA ASP F 285 8.59 -60.99 -36.25
C ASP F 285 8.23 -59.59 -36.74
N GLY F 286 8.00 -58.67 -35.80
CA GLY F 286 7.61 -57.31 -36.12
C GLY F 286 8.57 -56.30 -35.51
N LYS F 287 8.61 -55.13 -36.12
CA LYS F 287 9.46 -54.03 -35.66
C LYS F 287 8.60 -52.98 -34.97
N LEU F 288 9.24 -52.24 -34.07
CA LEU F 288 8.61 -51.11 -33.39
C LEU F 288 9.04 -49.82 -34.07
N PHE F 289 8.08 -48.98 -34.42
CA PHE F 289 8.34 -47.61 -34.83
C PHE F 289 7.81 -46.68 -33.75
N ALA F 290 8.70 -45.83 -33.22
CA ALA F 290 8.35 -44.92 -32.13
C ALA F 290 9.18 -43.66 -32.29
N THR F 291 8.52 -42.54 -32.59
CA THR F 291 9.22 -41.28 -32.79
C THR F 291 9.55 -40.62 -31.46
N ASP F 292 10.25 -39.50 -31.54
CA ASP F 292 10.62 -38.73 -30.37
C ASP F 292 9.39 -37.97 -29.85
N ASP F 293 9.52 -37.43 -28.63
CA ASP F 293 8.42 -36.72 -28.01
C ASP F 293 8.09 -35.41 -28.72
N ARG F 294 9.00 -34.90 -29.56
CA ARG F 294 8.74 -33.65 -30.26
C ARG F 294 7.55 -33.73 -31.20
N TYR F 295 7.37 -34.86 -31.88
CA TYR F 295 6.27 -35.05 -32.82
C TYR F 295 5.05 -35.69 -32.20
N CYS F 296 5.23 -36.46 -31.12
CA CYS F 296 4.08 -37.05 -30.43
C CYS F 296 3.14 -35.98 -29.89
N ILE F 297 3.66 -34.81 -29.56
CA ILE F 297 2.85 -33.69 -29.09
C ILE F 297 2.46 -32.83 -30.29
N ASP F 298 1.35 -32.12 -30.15
CA ASP F 298 0.81 -31.34 -31.25
C ASP F 298 1.70 -30.16 -31.59
N ASN F 299 1.77 -29.83 -32.88
CA ASN F 299 2.51 -28.67 -33.36
C ASN F 299 2.09 -28.35 -34.79
N GLY F 300 2.48 -27.16 -35.25
CA GLY F 300 2.04 -26.68 -36.56
C GLY F 300 2.65 -27.42 -37.74
N ALA F 301 3.94 -27.74 -37.65
CA ALA F 301 4.59 -28.48 -38.72
C ALA F 301 3.95 -29.85 -38.92
N MET F 302 3.24 -30.33 -37.91
CA MET F 302 2.46 -31.55 -38.06
C MET F 302 1.40 -31.38 -39.14
N ILE F 303 0.60 -30.33 -39.03
CA ILE F 303 -0.48 -30.06 -39.98
C ILE F 303 0.08 -29.65 -41.34
N ALA F 304 1.20 -28.93 -41.32
CA ALA F 304 1.71 -28.30 -42.54
C ALA F 304 2.03 -29.33 -43.62
N TYR F 305 2.65 -30.46 -43.24
CA TYR F 305 3.05 -31.42 -44.25
C TYR F 305 1.86 -32.09 -44.92
N THR F 306 0.83 -32.43 -44.15
CA THR F 306 -0.37 -33.00 -44.75
C THR F 306 -1.08 -31.97 -45.61
N GLY F 307 -1.06 -30.70 -45.20
CA GLY F 307 -1.59 -29.66 -46.07
C GLY F 307 -0.84 -29.55 -47.39
N LEU F 308 0.49 -29.66 -47.34
CA LEU F 308 1.28 -29.66 -48.56
C LEU F 308 0.93 -30.86 -49.44
N LEU F 309 0.78 -32.04 -48.83
CA LEU F 309 0.40 -33.22 -49.59
C LEU F 309 -0.94 -33.02 -50.27
N ALA F 310 -1.91 -32.45 -49.55
CA ALA F 310 -3.23 -32.20 -50.14
C ALA F 310 -3.15 -31.20 -51.29
N PHE F 311 -2.35 -30.13 -51.12
CA PHE F 311 -2.35 -29.08 -52.14
C PHE F 311 -1.62 -29.51 -53.41
N VAL F 312 -0.52 -30.26 -53.28
CA VAL F 312 0.26 -30.61 -54.46
C VAL F 312 -0.57 -31.41 -55.46
N ASN F 313 -1.51 -32.22 -54.97
CA ASN F 313 -2.38 -32.97 -55.87
C ASN F 313 -3.25 -32.04 -56.72
N GLY F 314 -3.94 -31.11 -56.06
CA GLY F 314 -4.77 -30.17 -56.78
C GLY F 314 -6.16 -29.99 -56.20
N ILE F 315 -6.44 -30.66 -55.08
CA ILE F 315 -7.71 -30.51 -54.39
C ILE F 315 -7.64 -29.27 -53.51
N GLU F 316 -8.64 -28.40 -53.63
CA GLU F 316 -8.67 -27.11 -52.95
C GLU F 316 -9.83 -27.05 -51.98
N THR F 317 -10.01 -25.88 -51.38
CA THR F 317 -11.08 -25.63 -50.41
C THR F 317 -11.54 -24.19 -50.53
N PRO F 318 -12.84 -23.94 -50.64
CA PRO F 318 -13.33 -22.56 -50.76
C PRO F 318 -13.10 -21.78 -49.47
N ILE F 319 -12.94 -20.47 -49.63
CA ILE F 319 -12.64 -19.60 -48.49
C ILE F 319 -13.83 -19.53 -47.53
N GLU F 320 -15.03 -19.86 -48.01
CA GLU F 320 -16.21 -19.75 -47.15
C GLU F 320 -16.40 -21.00 -46.28
N ASP F 321 -15.82 -22.13 -46.70
CA ASP F 321 -15.98 -23.39 -45.98
C ASP F 321 -14.92 -23.58 -44.89
N SER F 322 -14.26 -22.51 -44.46
CA SER F 322 -13.21 -22.61 -43.45
C SER F 322 -13.83 -22.69 -42.05
N THR F 323 -14.57 -23.76 -41.84
CA THR F 323 -15.25 -24.02 -40.57
C THR F 323 -14.48 -25.08 -39.78
N PHE F 324 -15.05 -25.47 -38.64
CA PHE F 324 -14.47 -26.49 -37.78
C PHE F 324 -15.58 -27.40 -37.27
N THR F 325 -15.18 -28.47 -36.59
CA THR F 325 -16.11 -29.40 -35.98
C THR F 325 -15.46 -30.05 -34.77
N GLN F 326 -16.30 -30.55 -33.87
CA GLN F 326 -15.80 -31.22 -32.67
C GLN F 326 -15.24 -32.60 -32.97
N ARG F 327 -15.65 -33.22 -34.08
CA ARG F 327 -15.17 -34.55 -34.46
C ARG F 327 -14.91 -34.54 -35.97
N PHE F 328 -13.68 -34.21 -36.36
CA PHE F 328 -13.25 -34.26 -37.75
C PHE F 328 -12.65 -35.65 -37.97
N ARG F 329 -13.52 -36.60 -38.33
CA ARG F 329 -13.14 -38.00 -38.38
C ARG F 329 -12.06 -38.24 -39.45
N THR F 330 -11.14 -39.15 -39.13
CA THR F 330 -10.03 -39.43 -40.03
C THR F 330 -10.49 -40.05 -41.34
N ASP F 331 -11.45 -40.98 -41.27
CA ASP F 331 -11.90 -41.69 -42.46
C ASP F 331 -12.58 -40.79 -43.48
N GLU F 332 -13.02 -39.60 -43.08
CA GLU F 332 -13.66 -38.68 -44.02
C GLU F 332 -12.68 -38.12 -45.03
N VAL F 333 -11.38 -38.16 -44.75
CA VAL F 333 -10.36 -37.69 -45.67
C VAL F 333 -9.93 -38.83 -46.58
N HIS F 334 -10.03 -38.61 -47.89
CA HIS F 334 -9.66 -39.60 -48.88
C HIS F 334 -8.26 -39.28 -49.41
N ALA F 335 -7.34 -40.24 -49.27
CA ALA F 335 -5.98 -40.05 -49.72
C ALA F 335 -5.92 -40.01 -51.24
N VAL F 336 -5.26 -38.98 -51.77
CA VAL F 336 -5.10 -38.84 -53.22
C VAL F 336 -3.62 -38.68 -53.57
N TRP F 337 -2.82 -38.28 -52.57
CA TRP F 337 -1.39 -38.14 -52.80
C TRP F 337 -0.71 -39.49 -52.92
N ARG F 338 -1.16 -40.49 -52.14
CA ARG F 338 -0.58 -41.81 -52.23
C ARG F 338 -1.02 -42.56 -53.49
N GLU F 339 -2.13 -42.17 -54.08
CA GLU F 339 -2.64 -42.82 -55.28
C GLU F 339 -2.64 -41.87 -56.47
FE FE G . -11.64 2.27 7.53
#